data_2YTH
#
_entry.id   2YTH
#
loop_
_entity.id
_entity.type
_entity.pdbx_description
1 polymer 'Zinc finger protein 224'
2 non-polymer 'ZINC ION'
#
_entity_poly.entity_id   1
_entity_poly.type   'polypeptide(L)'
_entity_poly.pdbx_seq_one_letter_code
;GSSGSSGSGEKPFQCEECGKRFTQNSHLHSHQRVHTGEKPSGPSSG
;
_entity_poly.pdbx_strand_id   A
#
loop_
_chem_comp.id
_chem_comp.type
_chem_comp.name
_chem_comp.formula
ZN non-polymer 'ZINC ION' 'Zn 2'
#
# COMPACT_ATOMS: atom_id res chain seq x y z
N GLY A 1 3.20 -1.63 20.67
CA GLY A 1 1.76 -1.50 20.80
C GLY A 1 1.22 -0.28 20.06
N SER A 2 1.93 0.84 20.16
CA SER A 2 1.52 2.07 19.50
C SER A 2 1.30 1.83 18.01
N SER A 3 0.59 2.77 17.37
CA SER A 3 0.31 2.66 15.94
C SER A 3 1.52 2.15 15.18
N GLY A 4 1.28 1.22 14.26
CA GLY A 4 2.37 0.65 13.47
C GLY A 4 2.39 1.19 12.05
N SER A 5 1.40 0.81 11.25
CA SER A 5 1.33 1.26 9.87
C SER A 5 0.66 2.63 9.78
N SER A 6 1.47 3.68 9.81
CA SER A 6 0.95 5.05 9.73
C SER A 6 0.27 5.29 8.39
N GLY A 7 -0.98 5.72 8.45
CA GLY A 7 -1.73 5.99 7.22
C GLY A 7 -1.89 7.47 6.97
N SER A 8 -0.83 8.23 7.25
CA SER A 8 -0.86 9.68 7.04
C SER A 8 0.20 10.11 6.04
N GLY A 9 -0.17 10.15 4.76
CA GLY A 9 0.76 10.54 3.73
C GLY A 9 0.25 11.70 2.88
N GLU A 10 0.84 11.87 1.71
CA GLU A 10 0.44 12.95 0.81
C GLU A 10 -0.45 12.42 -0.31
N LYS A 11 0.05 11.42 -1.03
CA LYS A 11 -0.69 10.83 -2.14
C LYS A 11 -2.04 10.29 -1.66
N PRO A 12 -3.08 10.47 -2.48
CA PRO A 12 -4.44 10.02 -2.17
C PRO A 12 -4.55 8.49 -2.18
N PHE A 13 -3.82 7.85 -3.10
CA PHE A 13 -3.85 6.41 -3.22
C PHE A 13 -2.88 5.76 -2.24
N GLN A 14 -3.41 5.29 -1.12
CA GLN A 14 -2.59 4.64 -0.10
C GLN A 14 -3.08 3.22 0.18
N CYS A 15 -2.14 2.29 0.33
CA CYS A 15 -2.48 0.91 0.62
C CYS A 15 -3.27 0.78 1.91
N GLU A 16 -3.66 -0.44 2.25
CA GLU A 16 -4.42 -0.69 3.46
C GLU A 16 -3.63 -1.57 4.44
N GLU A 17 -2.72 -2.37 3.89
CA GLU A 17 -1.89 -3.25 4.71
C GLU A 17 -0.53 -2.62 4.99
N CYS A 18 -0.14 -1.69 4.13
CA CYS A 18 1.15 -1.01 4.28
C CYS A 18 0.99 0.50 4.12
N GLY A 19 -0.24 0.93 3.86
CA GLY A 19 -0.51 2.36 3.69
C GLY A 19 0.58 3.05 2.89
N LYS A 20 1.05 2.39 1.84
CA LYS A 20 2.09 2.96 0.99
C LYS A 20 1.57 4.17 0.23
N ARG A 21 2.42 4.73 -0.64
CA ARG A 21 2.05 5.90 -1.42
C ARG A 21 2.34 5.67 -2.90
N PHE A 22 1.42 6.13 -3.75
CA PHE A 22 1.59 5.97 -5.19
C PHE A 22 0.88 7.10 -5.94
N THR A 23 1.35 7.38 -7.15
CA THR A 23 0.78 8.44 -7.96
C THR A 23 -0.55 8.02 -8.56
N GLN A 24 -0.54 6.93 -9.33
CA GLN A 24 -1.76 6.42 -9.96
C GLN A 24 -2.34 5.27 -9.15
N ASN A 25 -3.56 4.87 -9.48
CA ASN A 25 -4.23 3.78 -8.79
C ASN A 25 -3.70 2.43 -9.26
N SER A 26 -3.65 2.25 -10.57
CA SER A 26 -3.16 1.00 -11.16
C SER A 26 -1.99 0.45 -10.36
N HIS A 27 -1.04 1.33 -10.02
CA HIS A 27 0.13 0.94 -9.25
C HIS A 27 -0.27 0.35 -7.90
N LEU A 28 -1.27 0.98 -7.27
CA LEU A 28 -1.74 0.53 -5.97
C LEU A 28 -2.48 -0.81 -6.09
N HIS A 29 -3.60 -0.79 -6.81
CA HIS A 29 -4.40 -1.99 -7.01
C HIS A 29 -3.51 -3.20 -7.26
N SER A 30 -2.61 -3.08 -8.23
CA SER A 30 -1.69 -4.17 -8.58
C SER A 30 -0.67 -4.38 -7.46
N HIS A 31 -0.19 -3.30 -6.88
CA HIS A 31 0.79 -3.37 -5.80
C HIS A 31 0.28 -4.26 -4.66
N GLN A 32 -1.04 -4.41 -4.58
CA GLN A 32 -1.64 -5.23 -3.54
C GLN A 32 -1.18 -6.67 -3.65
N ARG A 33 -0.56 -7.01 -4.78
CA ARG A 33 -0.07 -8.36 -5.01
C ARG A 33 0.95 -8.76 -3.93
N VAL A 34 1.69 -7.77 -3.44
CA VAL A 34 2.70 -8.02 -2.42
C VAL A 34 2.07 -8.52 -1.13
N HIS A 35 0.75 -8.37 -1.02
CA HIS A 35 0.01 -8.81 0.16
C HIS A 35 -0.90 -9.98 -0.18
N THR A 36 -0.60 -10.66 -1.28
CA THR A 36 -1.40 -11.81 -1.70
C THR A 36 -1.73 -12.72 -0.53
N GLY A 37 -2.74 -13.56 -0.71
CA GLY A 37 -3.14 -14.47 0.36
C GLY A 37 -4.54 -14.18 0.87
N GLU A 38 -4.67 -13.10 1.65
CA GLU A 38 -5.96 -12.72 2.21
C GLU A 38 -6.99 -12.50 1.10
N LYS A 39 -7.91 -13.44 0.96
CA LYS A 39 -8.95 -13.35 -0.06
C LYS A 39 -10.34 -13.35 0.58
N PRO A 40 -10.71 -12.22 1.20
CA PRO A 40 -12.00 -12.07 1.86
C PRO A 40 -13.16 -12.03 0.86
N SER A 41 -13.91 -13.11 0.78
CA SER A 41 -15.05 -13.21 -0.14
C SER A 41 -16.20 -12.32 0.34
N GLY A 42 -16.08 -11.80 1.55
CA GLY A 42 -17.11 -10.95 2.10
C GLY A 42 -16.59 -9.59 2.52
N PRO A 43 -17.51 -8.68 2.85
CA PRO A 43 -17.15 -7.31 3.28
C PRO A 43 -16.49 -7.29 4.65
N SER A 44 -15.92 -6.15 5.01
CA SER A 44 -15.25 -5.99 6.29
C SER A 44 -16.02 -5.03 7.20
N SER A 45 -15.94 -5.25 8.50
CA SER A 45 -16.62 -4.41 9.47
C SER A 45 -15.77 -3.21 9.85
N GLY A 46 -14.60 -3.48 10.44
CA GLY A 46 -13.72 -2.40 10.84
C GLY A 46 -12.32 -2.57 10.28
ZN ZN B . 0.83 -2.42 0.13
N GLY A 1 -9.49 9.71 22.17
CA GLY A 1 -9.69 8.94 20.96
C GLY A 1 -9.29 9.71 19.71
N SER A 2 -7.99 9.94 19.56
CA SER A 2 -7.47 10.66 18.41
C SER A 2 -7.63 9.84 17.13
N SER A 3 -7.05 8.64 17.14
CA SER A 3 -7.13 7.75 15.99
C SER A 3 -6.73 8.49 14.71
N GLY A 4 -5.67 9.29 14.80
CA GLY A 4 -5.21 10.05 13.65
C GLY A 4 -5.17 11.54 13.92
N SER A 5 -5.96 12.29 13.15
CA SER A 5 -6.02 13.75 13.30
C SER A 5 -4.69 14.37 12.89
N SER A 6 -4.12 13.89 11.79
CA SER A 6 -2.86 14.41 11.29
C SER A 6 -2.57 13.89 9.90
N GLY A 7 -1.81 14.67 9.12
CA GLY A 7 -1.47 14.27 7.77
C GLY A 7 -0.85 12.89 7.71
N SER A 8 -1.61 11.91 7.21
CA SER A 8 -1.12 10.54 7.12
C SER A 8 -1.18 10.05 5.67
N GLY A 9 -0.09 10.24 4.94
CA GLY A 9 -0.04 9.81 3.56
C GLY A 9 -0.30 10.94 2.59
N GLU A 10 0.78 11.59 2.13
CA GLU A 10 0.66 12.70 1.19
C GLU A 10 -0.25 12.34 0.03
N LYS A 11 0.08 11.25 -0.65
CA LYS A 11 -0.70 10.79 -1.79
C LYS A 11 -2.02 10.17 -1.34
N PRO A 12 -3.09 10.41 -2.11
CA PRO A 12 -4.42 9.88 -1.81
C PRO A 12 -4.50 8.38 -1.99
N PHE A 13 -3.81 7.87 -3.01
CA PHE A 13 -3.82 6.43 -3.29
C PHE A 13 -2.78 5.71 -2.43
N GLN A 14 -3.23 5.12 -1.33
CA GLN A 14 -2.35 4.40 -0.43
C GLN A 14 -2.85 2.98 -0.20
N CYS A 15 -1.97 2.12 0.31
CA CYS A 15 -2.32 0.73 0.58
C CYS A 15 -3.19 0.62 1.83
N GLU A 16 -3.56 -0.60 2.18
CA GLU A 16 -4.39 -0.84 3.36
C GLU A 16 -3.63 -1.65 4.40
N GLU A 17 -2.63 -2.40 3.96
CA GLU A 17 -1.83 -3.22 4.84
C GLU A 17 -0.47 -2.59 5.09
N CYS A 18 -0.06 -1.70 4.19
CA CYS A 18 1.22 -1.02 4.30
C CYS A 18 1.06 0.48 4.09
N GLY A 19 -0.17 0.91 3.89
CA GLY A 19 -0.44 2.33 3.67
C GLY A 19 0.68 3.02 2.92
N LYS A 20 0.98 2.52 1.73
CA LYS A 20 2.03 3.09 0.90
C LYS A 20 1.54 4.33 0.17
N ARG A 21 2.40 4.90 -0.67
CA ARG A 21 2.04 6.09 -1.42
C ARG A 21 2.24 5.87 -2.92
N PHE A 22 1.13 5.93 -3.67
CA PHE A 22 1.18 5.73 -5.11
C PHE A 22 0.48 6.87 -5.84
N THR A 23 1.05 7.29 -6.96
CA THR A 23 0.49 8.38 -7.75
C THR A 23 -0.67 7.89 -8.61
N GLN A 24 -0.49 6.73 -9.24
CA GLN A 24 -1.52 6.15 -10.09
C GLN A 24 -2.24 5.02 -9.37
N ASN A 25 -3.56 4.97 -9.53
CA ASN A 25 -4.37 3.94 -8.89
C ASN A 25 -3.89 2.54 -9.29
N SER A 26 -3.57 2.37 -10.57
CA SER A 26 -3.10 1.09 -11.08
C SER A 26 -1.92 0.58 -10.25
N HIS A 27 -0.89 1.42 -10.11
CA HIS A 27 0.29 1.05 -9.34
C HIS A 27 -0.10 0.42 -8.01
N LEU A 28 -1.14 0.97 -7.38
CA LEU A 28 -1.61 0.46 -6.09
C LEU A 28 -2.40 -0.84 -6.29
N HIS A 29 -3.49 -0.76 -7.04
CA HIS A 29 -4.33 -1.92 -7.29
C HIS A 29 -3.48 -3.17 -7.50
N SER A 30 -2.42 -3.03 -8.30
CA SER A 30 -1.53 -4.14 -8.58
C SER A 30 -0.59 -4.40 -7.41
N HIS A 31 -0.03 -3.34 -6.86
CA HIS A 31 0.89 -3.44 -5.73
C HIS A 31 0.27 -4.27 -4.61
N GLN A 32 -1.05 -4.20 -4.48
CA GLN A 32 -1.76 -4.94 -3.44
C GLN A 32 -1.35 -6.41 -3.46
N ARG A 33 -0.89 -6.88 -4.61
CA ARG A 33 -0.47 -8.27 -4.76
C ARG A 33 0.62 -8.62 -3.75
N VAL A 34 1.43 -7.62 -3.40
CA VAL A 34 2.51 -7.82 -2.44
C VAL A 34 1.99 -8.37 -1.12
N HIS A 35 0.67 -8.32 -0.94
CA HIS A 35 0.04 -8.80 0.28
C HIS A 35 -0.92 -9.95 -0.02
N THR A 36 -1.28 -10.09 -1.29
CA THR A 36 -2.20 -11.15 -1.71
C THR A 36 -1.99 -12.41 -0.88
N GLY A 37 -3.06 -12.86 -0.23
CA GLY A 37 -2.97 -14.05 0.59
C GLY A 37 -1.83 -14.01 1.58
N GLU A 38 -2.12 -13.51 2.78
CA GLU A 38 -1.10 -13.39 3.83
C GLU A 38 -1.06 -14.66 4.68
N LYS A 39 0.10 -15.31 4.69
CA LYS A 39 0.28 -16.54 5.47
C LYS A 39 -0.69 -17.62 5.00
N PRO A 40 -0.69 -17.89 3.69
CA PRO A 40 -1.57 -18.91 3.10
C PRO A 40 -1.17 -20.33 3.49
N SER A 41 -1.68 -20.79 4.62
CA SER A 41 -1.37 -22.12 5.12
C SER A 41 -2.37 -23.15 4.57
N GLY A 42 -2.75 -22.97 3.31
CA GLY A 42 -3.69 -23.88 2.69
C GLY A 42 -4.85 -23.16 2.02
N PRO A 43 -4.58 -22.57 0.84
CA PRO A 43 -5.59 -21.83 0.07
C PRO A 43 -6.64 -22.75 -0.52
N SER A 44 -6.49 -24.06 -0.28
CA SER A 44 -7.43 -25.03 -0.79
C SER A 44 -7.61 -24.88 -2.30
N SER A 45 -6.51 -24.64 -3.00
CA SER A 45 -6.52 -24.47 -4.44
C SER A 45 -6.30 -25.80 -5.15
N GLY A 46 -6.91 -25.95 -6.32
CA GLY A 46 -6.77 -27.19 -7.08
C GLY A 46 -5.50 -27.21 -7.92
ZN ZN B . 0.98 -2.61 0.17
N GLY A 1 17.11 13.12 -0.66
CA GLY A 1 18.18 13.32 0.30
C GLY A 1 18.20 14.73 0.87
N SER A 2 17.20 15.05 1.68
CA SER A 2 17.10 16.37 2.28
C SER A 2 16.19 16.34 3.51
N SER A 3 16.77 16.67 4.67
CA SER A 3 16.02 16.67 5.92
C SER A 3 15.20 17.94 6.04
N GLY A 4 13.94 17.87 5.65
CA GLY A 4 13.06 19.03 5.73
C GLY A 4 11.77 18.73 6.46
N SER A 5 10.80 19.64 6.35
CA SER A 5 9.51 19.47 7.01
C SER A 5 8.39 20.06 6.17
N SER A 6 7.16 19.98 6.68
CA SER A 6 6.00 20.50 5.97
C SER A 6 6.07 20.16 4.48
N GLY A 7 6.47 18.94 4.18
CA GLY A 7 6.57 18.51 2.80
C GLY A 7 5.23 18.50 2.10
N SER A 8 5.18 19.15 0.93
CA SER A 8 3.94 19.22 0.15
C SER A 8 3.96 18.22 -0.99
N GLY A 9 2.86 17.47 -1.14
CA GLY A 9 2.76 16.48 -2.20
C GLY A 9 2.22 15.16 -1.69
N GLU A 10 1.01 15.18 -1.15
CA GLU A 10 0.38 13.98 -0.63
C GLU A 10 -0.33 13.21 -1.74
N LYS A 11 -0.42 11.90 -1.59
CA LYS A 11 -1.08 11.05 -2.58
C LYS A 11 -2.30 10.37 -1.99
N PRO A 12 -3.42 10.38 -2.74
CA PRO A 12 -4.68 9.77 -2.31
C PRO A 12 -4.59 8.24 -2.28
N PHE A 13 -3.97 7.66 -3.30
CA PHE A 13 -3.83 6.21 -3.38
C PHE A 13 -2.82 5.71 -2.36
N GLN A 14 -3.31 4.95 -1.39
CA GLN A 14 -2.45 4.40 -0.34
C GLN A 14 -2.93 3.00 0.08
N CYS A 15 -1.97 2.09 0.27
CA CYS A 15 -2.29 0.73 0.65
C CYS A 15 -3.08 0.70 1.96
N GLU A 16 -3.54 -0.48 2.35
CA GLU A 16 -4.31 -0.64 3.58
C GLU A 16 -3.55 -1.50 4.59
N GLU A 17 -2.66 -2.35 4.08
CA GLU A 17 -1.87 -3.22 4.94
C GLU A 17 -0.49 -2.64 5.19
N CYS A 18 -0.05 -1.75 4.31
CA CYS A 18 1.24 -1.11 4.43
C CYS A 18 1.14 0.40 4.22
N GLY A 19 -0.08 0.88 4.05
CA GLY A 19 -0.30 2.31 3.85
C GLY A 19 0.82 2.95 3.04
N LYS A 20 0.95 2.54 1.79
CA LYS A 20 1.98 3.08 0.91
C LYS A 20 1.48 4.31 0.17
N ARG A 21 2.30 4.83 -0.74
CA ARG A 21 1.93 6.01 -1.52
C ARG A 21 2.22 5.80 -3.00
N PHE A 22 1.27 6.17 -3.85
CA PHE A 22 1.41 6.01 -5.29
C PHE A 22 0.69 7.14 -6.03
N THR A 23 1.23 7.52 -7.18
CA THR A 23 0.65 8.58 -7.99
C THR A 23 -0.62 8.10 -8.68
N GLN A 24 -0.53 6.94 -9.33
CA GLN A 24 -1.67 6.37 -10.04
C GLN A 24 -2.27 5.21 -9.26
N ASN A 25 -3.56 4.96 -9.48
CA ASN A 25 -4.26 3.88 -8.79
C ASN A 25 -3.70 2.53 -9.21
N SER A 26 -3.40 2.38 -10.49
CA SER A 26 -2.86 1.14 -11.02
C SER A 26 -1.75 0.60 -10.13
N HIS A 27 -0.80 1.46 -9.81
CA HIS A 27 0.33 1.08 -8.95
C HIS A 27 -0.17 0.43 -7.67
N LEU A 28 -1.23 0.98 -7.11
CA LEU A 28 -1.81 0.47 -5.87
C LEU A 28 -2.49 -0.88 -6.11
N HIS A 29 -3.60 -0.85 -6.84
CA HIS A 29 -4.35 -2.06 -7.15
C HIS A 29 -3.41 -3.24 -7.38
N SER A 30 -2.44 -3.05 -8.27
CA SER A 30 -1.47 -4.09 -8.59
C SER A 30 -0.52 -4.33 -7.41
N HIS A 31 -0.10 -3.24 -6.77
CA HIS A 31 0.81 -3.34 -5.64
C HIS A 31 0.24 -4.26 -4.56
N GLN A 32 -1.09 -4.30 -4.47
CA GLN A 32 -1.76 -5.14 -3.48
C GLN A 32 -1.32 -6.59 -3.61
N ARG A 33 -0.90 -6.98 -4.82
CA ARG A 33 -0.46 -8.34 -5.08
C ARG A 33 0.56 -8.79 -4.03
N VAL A 34 1.45 -7.87 -3.65
CA VAL A 34 2.49 -8.18 -2.67
C VAL A 34 1.86 -8.68 -1.38
N HIS A 35 0.66 -8.19 -1.06
CA HIS A 35 -0.03 -8.60 0.15
C HIS A 35 -1.00 -9.74 -0.14
N THR A 36 -0.90 -10.31 -1.33
CA THR A 36 -1.77 -11.41 -1.72
C THR A 36 -2.10 -12.30 -0.54
N GLY A 37 -1.08 -13.00 -0.03
CA GLY A 37 -1.29 -13.89 1.10
C GLY A 37 -2.20 -13.28 2.15
N GLU A 38 -1.66 -12.36 2.94
CA GLU A 38 -2.44 -11.72 3.99
C GLU A 38 -3.88 -11.52 3.56
N LYS A 39 -4.80 -11.88 4.45
CA LYS A 39 -6.24 -11.76 4.17
C LYS A 39 -6.82 -10.55 4.89
N PRO A 40 -7.81 -9.91 4.25
CA PRO A 40 -8.49 -8.74 4.82
C PRO A 40 -9.36 -9.08 6.02
N SER A 41 -9.01 -8.55 7.18
CA SER A 41 -9.76 -8.81 8.40
C SER A 41 -11.23 -8.46 8.22
N GLY A 42 -12.11 -9.33 8.72
CA GLY A 42 -13.53 -9.09 8.60
C GLY A 42 -14.18 -9.99 7.56
N PRO A 43 -15.49 -9.79 7.33
CA PRO A 43 -16.26 -10.58 6.37
C PRO A 43 -15.85 -10.27 4.92
N SER A 44 -16.22 -11.17 4.01
CA SER A 44 -15.88 -10.99 2.60
C SER A 44 -16.21 -9.57 2.15
N SER A 45 -15.66 -9.18 1.00
CA SER A 45 -15.88 -7.85 0.45
C SER A 45 -17.38 -7.53 0.40
N GLY A 46 -18.13 -8.39 -0.27
CA GLY A 46 -19.56 -8.19 -0.39
C GLY A 46 -20.25 -9.33 -1.11
ZN ZN B . 1.04 -2.58 0.38
N GLY A 1 5.25 28.84 16.59
CA GLY A 1 5.56 28.26 15.30
C GLY A 1 4.83 26.96 15.06
N SER A 2 4.93 26.43 13.84
CA SER A 2 4.27 25.18 13.48
C SER A 2 4.67 24.73 12.09
N SER A 3 4.71 23.43 11.88
CA SER A 3 5.08 22.87 10.58
C SER A 3 3.94 22.05 10.00
N GLY A 4 2.72 22.57 10.11
CA GLY A 4 1.56 21.87 9.59
C GLY A 4 1.02 22.52 8.32
N SER A 5 1.85 22.58 7.29
CA SER A 5 1.46 23.18 6.02
C SER A 5 0.57 22.23 5.23
N SER A 6 1.05 21.01 5.02
CA SER A 6 0.30 20.00 4.28
C SER A 6 -0.85 19.46 5.11
N GLY A 7 -0.52 18.93 6.29
CA GLY A 7 -1.54 18.38 7.16
C GLY A 7 -1.96 16.98 6.76
N SER A 8 -3.00 16.88 5.94
CA SER A 8 -3.50 15.59 5.48
C SER A 8 -2.40 14.80 4.79
N GLY A 9 -2.73 13.58 4.37
CA GLY A 9 -1.76 12.74 3.70
C GLY A 9 -1.11 13.44 2.53
N GLU A 10 -0.33 12.69 1.76
CA GLU A 10 0.37 13.24 0.60
C GLU A 10 -0.26 12.73 -0.70
N LYS A 11 -0.50 11.43 -0.77
CA LYS A 11 -1.09 10.82 -1.95
C LYS A 11 -2.47 10.26 -1.64
N PRO A 12 -3.39 10.37 -2.62
CA PRO A 12 -4.77 9.87 -2.48
C PRO A 12 -4.84 8.36 -2.43
N PHE A 13 -4.08 7.70 -3.31
CA PHE A 13 -4.06 6.25 -3.37
C PHE A 13 -3.00 5.68 -2.43
N GLN A 14 -3.46 5.02 -1.36
CA GLN A 14 -2.56 4.43 -0.39
C GLN A 14 -3.03 3.04 0.02
N CYS A 15 -2.08 2.13 0.21
CA CYS A 15 -2.39 0.76 0.61
C CYS A 15 -3.14 0.74 1.95
N GLU A 16 -3.56 -0.46 2.36
CA GLU A 16 -4.28 -0.61 3.62
C GLU A 16 -3.49 -1.48 4.59
N GLU A 17 -2.64 -2.34 4.05
CA GLU A 17 -1.82 -3.22 4.87
C GLU A 17 -0.46 -2.61 5.14
N CYS A 18 -0.03 -1.70 4.26
CA CYS A 18 1.26 -1.04 4.39
C CYS A 18 1.13 0.46 4.18
N GLY A 19 -0.10 0.91 3.96
CA GLY A 19 -0.35 2.33 3.75
C GLY A 19 0.80 3.01 3.02
N LYS A 20 0.94 2.70 1.73
CA LYS A 20 2.00 3.28 0.92
C LYS A 20 1.46 4.44 0.07
N ARG A 21 2.32 4.97 -0.79
CA ARG A 21 1.92 6.07 -1.68
C ARG A 21 2.21 5.74 -3.12
N PHE A 22 1.25 6.05 -4.00
CA PHE A 22 1.41 5.78 -5.42
C PHE A 22 0.77 6.88 -6.26
N THR A 23 1.61 7.63 -6.99
CA THR A 23 1.12 8.72 -7.82
C THR A 23 -0.22 8.36 -8.46
N GLN A 24 -0.37 7.11 -8.87
CA GLN A 24 -1.59 6.65 -9.50
C GLN A 24 -2.16 5.44 -8.77
N ASN A 25 -3.41 5.11 -9.06
CA ASN A 25 -4.07 3.97 -8.43
C ASN A 25 -3.59 2.66 -9.03
N SER A 26 -3.55 2.59 -10.35
CA SER A 26 -3.11 1.40 -11.05
C SER A 26 -2.00 0.69 -10.27
N HIS A 27 -0.99 1.46 -9.87
CA HIS A 27 0.13 0.91 -9.12
C HIS A 27 -0.36 0.19 -7.86
N LEU A 28 -1.28 0.82 -7.15
CA LEU A 28 -1.83 0.24 -5.93
C LEU A 28 -2.56 -1.07 -6.23
N HIS A 29 -3.46 -1.02 -7.20
CA HIS A 29 -4.23 -2.20 -7.58
C HIS A 29 -3.34 -3.43 -7.64
N SER A 30 -2.30 -3.37 -8.46
CA SER A 30 -1.37 -4.49 -8.61
C SER A 30 -0.51 -4.64 -7.35
N HIS A 31 0.04 -3.54 -6.87
CA HIS A 31 0.89 -3.56 -5.69
C HIS A 31 0.23 -4.35 -4.57
N GLN A 32 -1.11 -4.29 -4.51
CA GLN A 32 -1.85 -5.00 -3.48
C GLN A 32 -1.49 -6.48 -3.47
N ARG A 33 -1.22 -7.04 -4.65
CA ARG A 33 -0.86 -8.44 -4.77
C ARG A 33 0.42 -8.74 -4.00
N VAL A 34 1.12 -7.69 -3.59
CA VAL A 34 2.36 -7.85 -2.84
C VAL A 34 2.09 -8.40 -1.45
N HIS A 35 0.84 -8.39 -1.04
CA HIS A 35 0.45 -8.90 0.27
C HIS A 35 -0.44 -10.14 0.14
N THR A 36 -0.50 -10.68 -1.07
CA THR A 36 -1.31 -11.86 -1.33
C THR A 36 -1.31 -12.81 -0.14
N GLY A 37 -2.50 -13.07 0.40
CA GLY A 37 -2.60 -13.95 1.55
C GLY A 37 -4.00 -13.96 2.14
N GLU A 38 -4.43 -12.82 2.69
CA GLU A 38 -5.75 -12.70 3.29
C GLU A 38 -6.84 -12.91 2.25
N LYS A 39 -7.75 -13.84 2.53
CA LYS A 39 -8.84 -14.14 1.62
C LYS A 39 -10.18 -13.86 2.29
N PRO A 40 -11.14 -13.35 1.50
CA PRO A 40 -12.48 -13.03 1.99
C PRO A 40 -13.30 -14.27 2.30
N SER A 41 -14.15 -14.18 3.31
CA SER A 41 -14.99 -15.30 3.72
C SER A 41 -16.08 -15.58 2.70
N GLY A 42 -15.77 -16.43 1.72
CA GLY A 42 -16.73 -16.76 0.69
C GLY A 42 -16.35 -16.19 -0.66
N PRO A 43 -15.26 -16.71 -1.24
CA PRO A 43 -14.77 -16.26 -2.54
C PRO A 43 -15.69 -16.66 -3.68
N SER A 44 -15.71 -15.86 -4.75
CA SER A 44 -16.55 -16.14 -5.91
C SER A 44 -15.96 -15.52 -7.16
N SER A 45 -16.53 -15.88 -8.32
CA SER A 45 -16.05 -15.37 -9.60
C SER A 45 -17.22 -15.08 -10.53
N GLY A 46 -17.01 -14.14 -11.45
CA GLY A 46 -18.06 -13.77 -12.39
C GLY A 46 -19.00 -12.73 -11.84
ZN ZN B . 0.89 -2.62 0.31
N GLY A 1 -1.16 19.97 17.72
CA GLY A 1 -1.71 19.30 16.55
C GLY A 1 -0.80 19.40 15.34
N SER A 2 0.46 19.04 15.52
CA SER A 2 1.43 19.10 14.43
C SER A 2 1.26 17.92 13.48
N SER A 3 1.37 18.19 12.19
CA SER A 3 1.22 17.15 11.17
C SER A 3 2.24 16.04 11.38
N GLY A 4 3.52 16.39 11.31
CA GLY A 4 4.57 15.41 11.49
C GLY A 4 4.60 14.37 10.38
N SER A 5 5.64 14.43 9.56
CA SER A 5 5.78 13.48 8.45
C SER A 5 7.18 13.54 7.86
N SER A 6 7.66 12.39 7.38
CA SER A 6 8.99 12.30 6.79
C SER A 6 8.95 12.54 5.28
N GLY A 7 8.93 13.81 4.89
CA GLY A 7 8.88 14.15 3.48
C GLY A 7 7.62 14.87 3.10
N SER A 8 7.67 15.64 2.01
CA SER A 8 6.51 16.39 1.54
C SER A 8 5.91 15.75 0.30
N GLY A 9 4.96 14.85 0.51
CA GLY A 9 4.31 14.17 -0.59
C GLY A 9 3.30 13.13 -0.14
N GLU A 10 2.02 13.49 -0.16
CA GLU A 10 0.97 12.58 0.26
C GLU A 10 0.03 12.25 -0.91
N LYS A 11 0.14 11.05 -1.43
CA LYS A 11 -0.69 10.61 -2.55
C LYS A 11 -2.05 10.13 -2.05
N PRO A 12 -3.07 10.25 -2.91
CA PRO A 12 -4.44 9.84 -2.59
C PRO A 12 -4.57 8.32 -2.50
N PHE A 13 -3.87 7.61 -3.37
CA PHE A 13 -3.90 6.15 -3.38
C PHE A 13 -2.94 5.57 -2.35
N GLN A 14 -3.49 5.11 -1.23
CA GLN A 14 -2.67 4.53 -0.17
C GLN A 14 -3.11 3.10 0.14
N CYS A 15 -2.14 2.25 0.45
CA CYS A 15 -2.42 0.85 0.76
C CYS A 15 -3.18 0.74 2.08
N GLU A 16 -3.65 -0.47 2.38
CA GLU A 16 -4.39 -0.72 3.61
C GLU A 16 -3.62 -1.66 4.53
N GLU A 17 -2.73 -2.45 3.94
CA GLU A 17 -1.93 -3.41 4.70
C GLU A 17 -0.57 -2.82 5.05
N CYS A 18 -0.11 -1.88 4.23
CA CYS A 18 1.18 -1.23 4.44
C CYS A 18 1.07 0.28 4.26
N GLY A 19 -0.14 0.74 3.96
CA GLY A 19 -0.36 2.17 3.78
C GLY A 19 0.83 2.85 3.14
N LYS A 20 0.97 2.68 1.83
CA LYS A 20 2.06 3.29 1.09
C LYS A 20 1.57 4.46 0.24
N ARG A 21 2.48 5.04 -0.54
CA ARG A 21 2.13 6.17 -1.40
C ARG A 21 2.35 5.81 -2.87
N PHE A 22 1.40 6.22 -3.72
CA PHE A 22 1.49 5.95 -5.15
C PHE A 22 0.76 7.01 -5.95
N THR A 23 1.35 7.42 -7.06
CA THR A 23 0.75 8.43 -7.93
C THR A 23 0.05 7.79 -9.12
N GLN A 24 -0.54 6.63 -8.89
CA GLN A 24 -1.25 5.91 -9.95
C GLN A 24 -2.17 4.84 -9.37
N ASN A 25 -3.47 5.09 -9.43
CA ASN A 25 -4.45 4.14 -8.91
C ASN A 25 -4.07 2.71 -9.28
N SER A 26 -3.64 2.52 -10.53
CA SER A 26 -3.26 1.20 -11.01
C SER A 26 -2.11 0.63 -10.17
N HIS A 27 -1.06 1.42 -10.00
CA HIS A 27 0.10 1.01 -9.21
C HIS A 27 -0.33 0.41 -7.89
N LEU A 28 -1.34 1.02 -7.26
CA LEU A 28 -1.84 0.54 -5.98
C LEU A 28 -2.51 -0.83 -6.13
N HIS A 29 -3.52 -0.90 -6.98
CA HIS A 29 -4.23 -2.14 -7.22
C HIS A 29 -3.26 -3.29 -7.49
N SER A 30 -2.32 -3.06 -8.40
CA SER A 30 -1.33 -4.07 -8.75
C SER A 30 -0.32 -4.25 -7.63
N HIS A 31 -0.26 -3.27 -6.73
CA HIS A 31 0.68 -3.32 -5.61
C HIS A 31 0.08 -4.10 -4.44
N GLN A 32 -1.24 -4.18 -4.40
CA GLN A 32 -1.94 -4.90 -3.34
C GLN A 32 -1.56 -6.37 -3.35
N ARG A 33 -1.21 -6.88 -4.53
CA ARG A 33 -0.83 -8.29 -4.68
C ARG A 33 0.46 -8.58 -3.92
N VAL A 34 1.23 -7.54 -3.63
CA VAL A 34 2.49 -7.69 -2.91
C VAL A 34 2.28 -8.39 -1.58
N HIS A 35 1.05 -8.34 -1.07
CA HIS A 35 0.72 -8.97 0.19
C HIS A 35 -0.13 -10.22 -0.02
N THR A 36 -0.08 -10.75 -1.24
CA THR A 36 -0.85 -11.95 -1.58
C THR A 36 -0.49 -13.11 -0.67
N GLY A 37 -1.45 -14.00 -0.44
CA GLY A 37 -1.20 -15.15 0.41
C GLY A 37 -2.19 -16.27 0.15
N GLU A 38 -3.48 -15.94 0.10
CA GLU A 38 -4.51 -16.94 -0.14
C GLU A 38 -4.61 -17.27 -1.62
N LYS A 39 -4.72 -18.56 -1.93
CA LYS A 39 -4.82 -19.01 -3.31
C LYS A 39 -6.29 -19.17 -3.73
N PRO A 40 -6.56 -18.97 -5.03
CA PRO A 40 -7.91 -19.08 -5.57
C PRO A 40 -8.42 -20.52 -5.59
N SER A 41 -9.57 -20.74 -4.97
CA SER A 41 -10.15 -22.08 -4.90
C SER A 41 -10.61 -22.54 -6.29
N GLY A 42 -10.69 -23.85 -6.48
CA GLY A 42 -11.10 -24.40 -7.75
C GLY A 42 -12.49 -23.92 -8.16
N PRO A 43 -12.69 -23.74 -9.48
CA PRO A 43 -13.97 -23.29 -10.03
C PRO A 43 -15.06 -24.34 -9.90
N SER A 44 -15.95 -24.16 -8.93
CA SER A 44 -17.04 -25.09 -8.70
C SER A 44 -18.37 -24.36 -8.60
N SER A 45 -19.02 -24.15 -9.76
CA SER A 45 -20.30 -23.45 -9.80
C SER A 45 -21.44 -24.40 -9.41
N GLY A 46 -22.43 -23.85 -8.70
CA GLY A 46 -23.56 -24.65 -8.28
C GLY A 46 -24.83 -24.32 -9.05
ZN ZN B . 0.91 -2.55 0.31
N GLY A 1 5.07 15.53 3.40
CA GLY A 1 6.30 16.00 4.00
C GLY A 1 7.17 16.77 3.02
N SER A 2 8.48 16.58 3.10
CA SER A 2 9.41 17.27 2.22
C SER A 2 10.49 16.31 1.71
N SER A 3 10.37 15.93 0.44
CA SER A 3 11.33 15.01 -0.17
C SER A 3 11.31 15.14 -1.69
N GLY A 4 12.46 15.44 -2.27
CA GLY A 4 12.55 15.59 -3.71
C GLY A 4 12.56 14.25 -4.43
N SER A 5 11.42 13.56 -4.39
CA SER A 5 11.30 12.26 -5.03
C SER A 5 9.84 11.97 -5.39
N SER A 6 9.63 10.92 -6.17
CA SER A 6 8.28 10.54 -6.59
C SER A 6 7.29 10.72 -5.45
N GLY A 7 6.54 11.82 -5.51
CA GLY A 7 5.56 12.10 -4.48
C GLY A 7 5.84 13.39 -3.74
N SER A 8 5.57 14.51 -4.39
CA SER A 8 5.80 15.82 -3.78
C SER A 8 4.70 16.17 -2.79
N GLY A 9 4.87 15.71 -1.55
CA GLY A 9 3.88 15.98 -0.52
C GLY A 9 3.18 14.72 -0.04
N GLU A 10 1.99 14.47 -0.56
CA GLU A 10 1.21 13.29 -0.18
C GLU A 10 0.43 12.74 -1.36
N LYS A 11 0.09 11.46 -1.29
CA LYS A 11 -0.66 10.81 -2.37
C LYS A 11 -2.02 10.32 -1.86
N PRO A 12 -3.04 10.41 -2.72
CA PRO A 12 -4.40 9.99 -2.38
C PRO A 12 -4.51 8.47 -2.25
N PHE A 13 -3.94 7.76 -3.22
CA PHE A 13 -3.97 6.30 -3.21
C PHE A 13 -2.94 5.72 -2.24
N GLN A 14 -3.42 5.05 -1.20
CA GLN A 14 -2.54 4.46 -0.21
C GLN A 14 -3.02 3.06 0.18
N CYS A 15 -2.08 2.13 0.32
CA CYS A 15 -2.40 0.76 0.69
C CYS A 15 -3.19 0.71 1.99
N GLU A 16 -3.62 -0.48 2.38
CA GLU A 16 -4.38 -0.66 3.61
C GLU A 16 -3.65 -1.58 4.58
N GLU A 17 -2.73 -2.38 4.04
CA GLU A 17 -1.95 -3.31 4.85
C GLU A 17 -0.58 -2.74 5.17
N CYS A 18 -0.11 -1.84 4.32
CA CYS A 18 1.20 -1.21 4.51
C CYS A 18 1.11 0.30 4.32
N GLY A 19 -0.09 0.79 4.02
CA GLY A 19 -0.29 2.20 3.82
C GLY A 19 0.89 2.86 3.12
N LYS A 20 0.93 2.73 1.79
CA LYS A 20 2.01 3.31 1.00
C LYS A 20 1.50 4.51 0.19
N ARG A 21 2.37 5.04 -0.67
CA ARG A 21 2.01 6.18 -1.50
C ARG A 21 2.26 5.87 -2.98
N PHE A 22 1.30 6.23 -3.82
CA PHE A 22 1.41 5.98 -5.25
C PHE A 22 0.94 7.20 -6.05
N THR A 23 1.40 7.30 -7.29
CA THR A 23 1.02 8.42 -8.15
C THR A 23 -0.18 8.05 -9.03
N GLN A 24 -0.56 6.78 -9.00
CA GLN A 24 -1.69 6.30 -9.79
C GLN A 24 -2.40 5.14 -9.09
N ASN A 25 -3.71 5.05 -9.28
CA ASN A 25 -4.50 4.00 -8.66
C ASN A 25 -4.01 2.62 -9.12
N SER A 26 -3.82 2.47 -10.42
CA SER A 26 -3.37 1.20 -10.99
C SER A 26 -2.13 0.71 -10.26
N HIS A 27 -1.17 1.61 -10.05
CA HIS A 27 0.07 1.25 -9.37
C HIS A 27 -0.22 0.56 -8.03
N LEU A 28 -1.32 0.95 -7.40
CA LEU A 28 -1.72 0.38 -6.12
C LEU A 28 -2.41 -0.97 -6.32
N HIS A 29 -3.44 -0.98 -7.16
CA HIS A 29 -4.18 -2.20 -7.44
C HIS A 29 -3.23 -3.38 -7.64
N SER A 30 -2.20 -3.16 -8.45
CA SER A 30 -1.22 -4.20 -8.74
C SER A 30 -0.31 -4.43 -7.54
N HIS A 31 -0.02 -3.36 -6.81
CA HIS A 31 0.85 -3.43 -5.64
C HIS A 31 0.20 -4.27 -4.54
N GLN A 32 -1.12 -4.37 -4.57
CA GLN A 32 -1.86 -5.14 -3.58
C GLN A 32 -1.47 -6.61 -3.63
N ARG A 33 -0.77 -7.00 -4.69
CA ARG A 33 -0.34 -8.38 -4.86
C ARG A 33 0.73 -8.74 -3.84
N VAL A 34 1.51 -7.75 -3.42
CA VAL A 34 2.57 -7.97 -2.44
C VAL A 34 2.01 -8.57 -1.15
N HIS A 35 0.72 -8.37 -0.93
CA HIS A 35 0.06 -8.90 0.27
C HIS A 35 -0.94 -10.00 -0.11
N THR A 36 -0.88 -10.46 -1.35
CA THR A 36 -1.77 -11.50 -1.82
C THR A 36 -1.61 -12.78 -1.02
N GLY A 37 -0.58 -12.82 -0.17
CA GLY A 37 -0.33 -13.98 0.64
C GLY A 37 0.90 -14.76 0.20
N GLU A 38 2.06 -14.36 0.71
CA GLU A 38 3.32 -15.01 0.35
C GLU A 38 3.33 -16.46 0.83
N LYS A 39 3.83 -17.35 -0.01
CA LYS A 39 3.89 -18.77 0.33
C LYS A 39 4.96 -19.48 -0.49
N PRO A 40 5.73 -20.37 0.16
CA PRO A 40 6.80 -21.12 -0.49
C PRO A 40 6.26 -22.16 -1.47
N SER A 41 5.32 -22.98 -1.01
CA SER A 41 4.74 -24.01 -1.85
C SER A 41 4.20 -23.42 -3.15
N GLY A 42 4.93 -23.64 -4.23
CA GLY A 42 4.52 -23.12 -5.53
C GLY A 42 5.46 -23.53 -6.64
N PRO A 43 5.53 -24.85 -6.91
CA PRO A 43 6.39 -25.41 -7.96
C PRO A 43 5.90 -25.04 -9.37
N SER A 44 4.64 -24.62 -9.45
CA SER A 44 4.05 -24.25 -10.74
C SER A 44 5.09 -23.59 -11.64
N SER A 45 5.37 -24.24 -12.78
CA SER A 45 6.35 -23.72 -13.73
C SER A 45 5.82 -22.47 -14.43
N GLY A 46 4.66 -22.62 -15.08
CA GLY A 46 4.07 -21.51 -15.79
C GLY A 46 2.94 -21.94 -16.71
ZN ZN B . 0.89 -2.71 0.40
N GLY A 1 13.17 15.96 18.90
CA GLY A 1 12.33 16.05 17.73
C GLY A 1 11.28 17.13 17.84
N SER A 2 11.49 18.24 17.14
CA SER A 2 10.55 19.36 17.18
C SER A 2 9.59 19.29 15.99
N SER A 3 8.42 19.93 16.15
CA SER A 3 7.42 19.94 15.10
C SER A 3 6.84 21.34 14.93
N GLY A 4 6.61 21.74 13.68
CA GLY A 4 6.05 23.04 13.40
C GLY A 4 5.48 23.15 12.00
N SER A 5 6.19 22.57 11.03
CA SER A 5 5.74 22.60 9.64
C SER A 5 4.38 21.93 9.48
N SER A 6 3.49 22.58 8.73
CA SER A 6 2.15 22.05 8.51
C SER A 6 1.89 21.87 7.01
N GLY A 7 2.87 21.32 6.30
CA GLY A 7 2.72 21.10 4.88
C GLY A 7 3.26 19.75 4.43
N SER A 8 2.45 18.71 4.59
CA SER A 8 2.85 17.37 4.21
C SER A 8 1.96 16.82 3.10
N GLY A 9 2.57 16.47 1.98
CA GLY A 9 1.81 15.93 0.86
C GLY A 9 1.11 14.64 1.21
N GLU A 10 -0.11 14.47 0.68
CA GLU A 10 -0.89 13.27 0.94
C GLU A 10 -1.53 12.75 -0.34
N LYS A 11 -1.28 11.49 -0.66
CA LYS A 11 -1.82 10.87 -1.85
C LYS A 11 -3.12 10.14 -1.54
N PRO A 12 -4.07 10.18 -2.50
CA PRO A 12 -5.37 9.52 -2.35
C PRO A 12 -5.26 7.99 -2.38
N PHE A 13 -4.28 7.50 -3.12
CA PHE A 13 -4.07 6.05 -3.24
C PHE A 13 -3.00 5.59 -2.25
N GLN A 14 -3.44 5.05 -1.12
CA GLN A 14 -2.53 4.55 -0.10
C GLN A 14 -2.91 3.16 0.35
N CYS A 15 -1.94 2.25 0.37
CA CYS A 15 -2.18 0.88 0.77
C CYS A 15 -2.92 0.82 2.11
N GLU A 16 -3.39 -0.37 2.48
CA GLU A 16 -4.12 -0.55 3.73
C GLU A 16 -3.35 -1.47 4.66
N GLU A 17 -2.47 -2.29 4.11
CA GLU A 17 -1.67 -3.22 4.89
C GLU A 17 -0.29 -2.64 5.18
N CYS A 18 0.17 -1.75 4.31
CA CYS A 18 1.47 -1.13 4.47
C CYS A 18 1.38 0.39 4.27
N GLY A 19 0.16 0.87 4.05
CA GLY A 19 -0.04 2.30 3.85
C GLY A 19 1.10 2.94 3.08
N LYS A 20 1.09 2.78 1.76
CA LYS A 20 2.13 3.35 0.92
C LYS A 20 1.60 4.58 0.17
N ARG A 21 2.44 5.13 -0.71
CA ARG A 21 2.06 6.31 -1.49
C ARG A 21 2.28 6.07 -2.97
N PHE A 22 1.26 6.38 -3.77
CA PHE A 22 1.33 6.20 -5.22
C PHE A 22 0.48 7.24 -5.94
N THR A 23 1.04 7.83 -6.98
CA THR A 23 0.34 8.84 -7.77
C THR A 23 -0.72 8.20 -8.67
N GLN A 24 -0.39 7.03 -9.20
CA GLN A 24 -1.31 6.31 -10.08
C GLN A 24 -1.97 5.14 -9.36
N ASN A 25 -3.24 4.92 -9.63
CA ASN A 25 -3.98 3.83 -9.00
C ASN A 25 -3.41 2.47 -9.42
N SER A 26 -3.15 2.33 -10.71
CA SER A 26 -2.60 1.08 -11.25
C SER A 26 -1.50 0.55 -10.35
N HIS A 27 -0.61 1.43 -9.92
CA HIS A 27 0.51 1.05 -9.06
C HIS A 27 0.00 0.35 -7.80
N LEU A 28 -1.02 0.93 -7.17
CA LEU A 28 -1.60 0.35 -5.96
C LEU A 28 -2.31 -0.95 -6.27
N HIS A 29 -3.25 -0.90 -7.21
CA HIS A 29 -4.01 -2.09 -7.59
C HIS A 29 -3.12 -3.33 -7.60
N SER A 30 -2.12 -3.34 -8.48
CA SER A 30 -1.20 -4.47 -8.58
C SER A 30 -0.42 -4.65 -7.29
N HIS A 31 -0.05 -3.54 -6.67
CA HIS A 31 0.71 -3.58 -5.41
C HIS A 31 -0.04 -4.39 -4.36
N GLN A 32 -1.37 -4.26 -4.35
CA GLN A 32 -2.20 -4.98 -3.39
C GLN A 32 -1.91 -6.47 -3.44
N ARG A 33 -1.71 -7.00 -4.64
CA ARG A 33 -1.44 -8.41 -4.83
C ARG A 33 -0.16 -8.81 -4.12
N VAL A 34 0.71 -7.84 -3.88
CA VAL A 34 1.98 -8.09 -3.19
C VAL A 34 1.75 -8.64 -1.79
N HIS A 35 0.59 -8.31 -1.22
CA HIS A 35 0.25 -8.76 0.12
C HIS A 35 -0.68 -9.97 0.07
N THR A 36 -0.72 -10.63 -1.09
CA THR A 36 -1.57 -11.79 -1.28
C THR A 36 -1.46 -12.75 -0.08
N GLY A 37 -0.24 -13.14 0.24
CA GLY A 37 -0.02 -14.03 1.36
C GLY A 37 1.37 -14.60 1.39
N GLU A 38 2.35 -13.76 1.08
CA GLU A 38 3.75 -14.19 1.07
C GLU A 38 4.62 -13.25 1.89
N LYS A 39 4.14 -12.90 3.08
CA LYS A 39 4.88 -12.01 3.97
C LYS A 39 5.54 -12.78 5.10
N PRO A 40 6.70 -12.30 5.56
CA PRO A 40 7.45 -12.93 6.64
C PRO A 40 6.76 -12.79 7.99
N SER A 41 6.25 -11.59 8.27
CA SER A 41 5.57 -11.32 9.53
C SER A 41 4.69 -12.50 9.93
N GLY A 42 4.82 -12.94 11.18
CA GLY A 42 4.03 -14.05 11.66
C GLY A 42 2.65 -14.10 11.04
N PRO A 43 2.51 -14.92 9.98
CA PRO A 43 1.24 -15.07 9.27
C PRO A 43 0.19 -15.80 10.10
N SER A 44 0.60 -16.91 10.71
CA SER A 44 -0.30 -17.70 11.53
C SER A 44 -1.63 -17.94 10.82
N SER A 45 -1.55 -18.29 9.54
CA SER A 45 -2.75 -18.54 8.74
C SER A 45 -2.80 -20.00 8.29
N GLY A 46 -1.70 -20.48 7.75
CA GLY A 46 -1.64 -21.86 7.27
C GLY A 46 -2.47 -22.08 6.03
ZN ZN B . 1.23 -2.43 0.28
N GLY A 1 23.84 6.86 5.72
CA GLY A 1 22.56 7.03 5.07
C GLY A 1 22.69 7.39 3.60
N SER A 2 21.58 7.71 2.97
CA SER A 2 21.58 8.08 1.55
C SER A 2 20.27 8.75 1.16
N SER A 3 20.37 9.90 0.50
CA SER A 3 19.19 10.65 0.08
C SER A 3 18.46 9.91 -1.03
N GLY A 4 17.15 9.79 -0.89
CA GLY A 4 16.35 9.10 -1.88
C GLY A 4 14.88 9.48 -1.82
N SER A 5 14.20 9.02 -0.77
CA SER A 5 12.79 9.32 -0.61
C SER A 5 12.56 10.80 -0.28
N SER A 6 11.70 11.44 -1.06
CA SER A 6 11.41 12.86 -0.86
C SER A 6 9.95 13.17 -1.22
N GLY A 7 9.16 13.49 -0.20
CA GLY A 7 7.75 13.79 -0.43
C GLY A 7 6.90 13.56 0.80
N SER A 8 6.06 14.54 1.13
CA SER A 8 5.20 14.43 2.30
C SER A 8 3.91 13.69 1.95
N GLY A 9 4.06 12.54 1.32
CA GLY A 9 2.89 11.75 0.93
C GLY A 9 1.85 12.56 0.19
N GLU A 10 0.69 12.73 0.79
CA GLU A 10 -0.39 13.49 0.18
C GLU A 10 -0.90 12.78 -1.08
N LYS A 11 -1.06 11.47 -0.98
CA LYS A 11 -1.54 10.68 -2.10
C LYS A 11 -2.84 9.95 -1.74
N PRO A 12 -3.83 10.04 -2.63
CA PRO A 12 -5.14 9.39 -2.43
C PRO A 12 -5.05 7.88 -2.52
N PHE A 13 -4.04 7.39 -3.23
CA PHE A 13 -3.85 5.95 -3.40
C PHE A 13 -2.82 5.42 -2.42
N GLN A 14 -3.30 4.99 -1.24
CA GLN A 14 -2.42 4.46 -0.21
C GLN A 14 -2.83 3.05 0.17
N CYS A 15 -1.84 2.16 0.26
CA CYS A 15 -2.09 0.77 0.62
C CYS A 15 -2.94 0.68 1.89
N GLU A 16 -3.37 -0.53 2.23
CA GLU A 16 -4.19 -0.74 3.41
C GLU A 16 -3.48 -1.66 4.40
N GLU A 17 -2.53 -2.45 3.90
CA GLU A 17 -1.78 -3.37 4.75
C GLU A 17 -0.44 -2.75 5.15
N CYS A 18 0.07 -1.85 4.31
CA CYS A 18 1.34 -1.19 4.58
C CYS A 18 1.24 0.31 4.32
N GLY A 19 0.03 0.77 4.03
CA GLY A 19 -0.18 2.18 3.76
C GLY A 19 0.97 2.80 3.00
N LYS A 20 1.02 2.55 1.70
CA LYS A 20 2.08 3.09 0.85
C LYS A 20 1.62 4.36 0.15
N ARG A 21 2.47 4.89 -0.73
CA ARG A 21 2.14 6.11 -1.47
C ARG A 21 2.35 5.89 -2.97
N PHE A 22 1.31 6.13 -3.75
CA PHE A 22 1.38 5.96 -5.20
C PHE A 22 0.65 7.10 -5.91
N THR A 23 1.17 7.48 -7.07
CA THR A 23 0.57 8.56 -7.85
C THR A 23 -0.71 8.10 -8.53
N GLN A 24 -0.61 7.01 -9.29
CA GLN A 24 -1.77 6.47 -10.00
C GLN A 24 -2.39 5.32 -9.23
N ASN A 25 -3.60 4.93 -9.61
CA ASN A 25 -4.29 3.83 -8.95
C ASN A 25 -3.69 2.49 -9.33
N SER A 26 -3.50 2.28 -10.63
CA SER A 26 -2.93 1.03 -11.13
C SER A 26 -1.77 0.57 -10.25
N HIS A 27 -0.79 1.45 -10.05
CA HIS A 27 0.37 1.13 -9.23
C HIS A 27 -0.06 0.53 -7.90
N LEU A 28 -1.13 1.07 -7.32
CA LEU A 28 -1.64 0.58 -6.05
C LEU A 28 -2.30 -0.78 -6.22
N HIS A 29 -3.16 -0.90 -7.23
CA HIS A 29 -3.84 -2.16 -7.49
C HIS A 29 -2.86 -3.31 -7.66
N SER A 30 -1.78 -3.05 -8.40
CA SER A 30 -0.77 -4.07 -8.64
C SER A 30 0.14 -4.22 -7.41
N HIS A 31 -0.01 -3.31 -6.46
CA HIS A 31 0.80 -3.35 -5.24
C HIS A 31 0.08 -4.14 -4.16
N GLN A 32 -1.23 -3.92 -4.02
CA GLN A 32 -2.02 -4.61 -3.00
C GLN A 32 -1.81 -6.11 -3.08
N ARG A 33 -1.90 -6.66 -4.30
CA ARG A 33 -1.72 -8.10 -4.50
C ARG A 33 -0.40 -8.57 -3.89
N VAL A 34 0.56 -7.66 -3.78
CA VAL A 34 1.85 -7.98 -3.20
C VAL A 34 1.71 -8.64 -1.84
N HIS A 35 0.78 -8.13 -1.04
CA HIS A 35 0.54 -8.68 0.29
C HIS A 35 -0.48 -9.81 0.24
N THR A 36 -0.63 -10.41 -0.93
CA THR A 36 -1.57 -11.51 -1.12
C THR A 36 -1.41 -12.57 -0.03
N GLY A 37 -0.27 -12.54 0.64
CA GLY A 37 -0.01 -13.50 1.70
C GLY A 37 1.04 -13.01 2.68
N GLU A 38 2.15 -13.73 2.77
CA GLU A 38 3.23 -13.36 3.68
C GLU A 38 4.24 -12.44 2.99
N LYS A 39 3.83 -11.21 2.73
CA LYS A 39 4.70 -10.24 2.08
C LYS A 39 5.59 -10.91 1.03
N PRO A 40 4.95 -11.68 0.14
CA PRO A 40 5.68 -12.39 -0.93
C PRO A 40 6.24 -11.44 -1.98
N SER A 41 7.43 -11.77 -2.48
CA SER A 41 8.09 -10.95 -3.50
C SER A 41 7.76 -11.45 -4.90
N GLY A 42 8.16 -12.69 -5.17
CA GLY A 42 7.91 -13.27 -6.48
C GLY A 42 8.64 -14.59 -6.67
N PRO A 43 8.28 -15.32 -7.73
CA PRO A 43 8.88 -16.62 -8.05
C PRO A 43 10.33 -16.47 -8.52
N SER A 44 11.27 -16.64 -7.60
CA SER A 44 12.68 -16.52 -7.92
C SER A 44 12.93 -15.37 -8.89
N SER A 45 12.28 -14.23 -8.63
CA SER A 45 12.43 -13.07 -9.48
C SER A 45 12.91 -11.86 -8.66
N GLY A 46 13.68 -11.00 -9.30
CA GLY A 46 14.20 -9.82 -8.62
C GLY A 46 13.15 -9.14 -7.76
ZN ZN B . 1.44 -2.33 0.38
N GLY A 1 15.60 25.42 8.10
CA GLY A 1 15.22 26.62 8.83
C GLY A 1 13.86 27.14 8.41
N SER A 2 12.83 26.34 8.60
CA SER A 2 11.48 26.73 8.24
C SER A 2 10.58 26.83 9.47
N SER A 3 9.51 27.62 9.37
CA SER A 3 8.58 27.80 10.47
C SER A 3 7.27 27.07 10.20
N GLY A 4 7.38 25.85 9.68
CA GLY A 4 6.19 25.07 9.39
C GLY A 4 6.29 24.34 8.05
N SER A 5 5.55 23.26 7.92
CA SER A 5 5.56 22.47 6.69
C SER A 5 4.18 22.48 6.02
N SER A 6 3.90 23.53 5.25
CA SER A 6 2.63 23.65 4.56
C SER A 6 2.80 23.51 3.05
N GLY A 7 1.86 22.81 2.42
CA GLY A 7 1.93 22.61 0.98
C GLY A 7 1.21 21.35 0.53
N SER A 8 1.79 20.66 -0.44
CA SER A 8 1.21 19.43 -0.96
C SER A 8 2.29 18.43 -1.35
N GLY A 9 2.26 17.25 -0.72
CA GLY A 9 3.24 16.23 -1.01
C GLY A 9 2.67 14.83 -0.89
N GLU A 10 1.91 14.59 0.16
CA GLU A 10 1.31 13.28 0.39
C GLU A 10 0.62 12.78 -0.88
N LYS A 11 0.14 11.54 -0.83
CA LYS A 11 -0.55 10.94 -1.97
C LYS A 11 -1.94 10.47 -1.58
N PRO A 12 -2.90 10.61 -2.50
CA PRO A 12 -4.29 10.19 -2.28
C PRO A 12 -4.45 8.68 -2.20
N PHE A 13 -3.83 7.98 -3.15
CA PHE A 13 -3.89 6.52 -3.18
C PHE A 13 -2.86 5.90 -2.25
N GLN A 14 -3.35 5.15 -1.26
CA GLN A 14 -2.46 4.51 -0.29
C GLN A 14 -2.99 3.13 0.08
N CYS A 15 -2.08 2.18 0.25
CA CYS A 15 -2.45 0.82 0.60
C CYS A 15 -3.28 0.80 1.89
N GLU A 16 -3.68 -0.40 2.31
CA GLU A 16 -4.47 -0.56 3.51
C GLU A 16 -3.71 -1.36 4.58
N GLU A 17 -2.88 -2.28 4.12
CA GLU A 17 -2.09 -3.10 5.03
C GLU A 17 -0.72 -2.49 5.28
N CYS A 18 -0.23 -1.73 4.30
CA CYS A 18 1.08 -1.09 4.41
C CYS A 18 0.97 0.41 4.14
N GLY A 19 -0.26 0.88 3.90
CA GLY A 19 -0.48 2.28 3.63
C GLY A 19 0.66 2.91 2.86
N LYS A 20 0.90 2.41 1.65
CA LYS A 20 1.97 2.92 0.80
C LYS A 20 1.52 4.18 0.05
N ARG A 21 2.38 4.68 -0.82
CA ARG A 21 2.08 5.88 -1.60
C ARG A 21 2.25 5.62 -3.09
N PHE A 22 1.28 6.05 -3.88
CA PHE A 22 1.32 5.87 -5.32
C PHE A 22 0.60 7.01 -6.04
N THR A 23 1.18 7.47 -7.14
CA THR A 23 0.60 8.56 -7.92
C THR A 23 -0.60 8.06 -8.74
N GLN A 24 -0.50 6.84 -9.24
CA GLN A 24 -1.57 6.24 -10.04
C GLN A 24 -2.27 5.13 -9.28
N ASN A 25 -3.60 5.17 -9.27
CA ASN A 25 -4.39 4.16 -8.57
C ASN A 25 -4.00 2.76 -9.02
N SER A 26 -3.68 2.61 -10.30
CA SER A 26 -3.30 1.32 -10.86
C SER A 26 -2.13 0.73 -10.08
N HIS A 27 -1.08 1.52 -9.89
CA HIS A 27 0.11 1.08 -9.16
C HIS A 27 -0.29 0.32 -7.90
N LEU A 28 -1.20 0.92 -7.12
CA LEU A 28 -1.66 0.30 -5.89
C LEU A 28 -2.35 -1.03 -6.17
N HIS A 29 -3.45 -0.98 -6.90
CA HIS A 29 -4.20 -2.18 -7.25
C HIS A 29 -3.26 -3.37 -7.44
N SER A 30 -2.29 -3.20 -8.34
CA SER A 30 -1.32 -4.26 -8.63
C SER A 30 -0.40 -4.50 -7.44
N HIS A 31 0.07 -3.42 -6.84
CA HIS A 31 0.95 -3.51 -5.68
C HIS A 31 0.34 -4.39 -4.60
N GLN A 32 -0.98 -4.38 -4.50
CA GLN A 32 -1.69 -5.17 -3.51
C GLN A 32 -1.28 -6.63 -3.60
N ARG A 33 -0.74 -7.03 -4.75
CA ARG A 33 -0.31 -8.41 -4.96
C ARG A 33 0.82 -8.78 -4.00
N VAL A 34 1.55 -7.78 -3.54
CA VAL A 34 2.66 -8.00 -2.63
C VAL A 34 2.16 -8.58 -1.29
N HIS A 35 0.86 -8.49 -1.08
CA HIS A 35 0.25 -9.01 0.15
C HIS A 35 -0.65 -10.21 -0.16
N THR A 36 -0.49 -10.79 -1.35
CA THR A 36 -1.29 -11.93 -1.76
C THR A 36 -1.47 -12.92 -0.61
N GLY A 37 -0.39 -13.16 0.13
CA GLY A 37 -0.46 -14.09 1.25
C GLY A 37 0.88 -14.75 1.53
N GLU A 38 1.57 -14.28 2.57
CA GLU A 38 2.86 -14.83 2.94
C GLU A 38 2.84 -15.37 4.37
N LYS A 39 3.72 -16.32 4.65
CA LYS A 39 3.80 -16.93 5.97
C LYS A 39 5.12 -16.59 6.64
N PRO A 40 5.05 -16.14 7.90
CA PRO A 40 6.23 -15.76 8.68
C PRO A 40 7.08 -16.98 9.07
N SER A 41 8.18 -16.73 9.76
CA SER A 41 9.08 -17.80 10.18
C SER A 41 9.73 -17.46 11.51
N GLY A 42 10.33 -18.48 12.15
CA GLY A 42 10.98 -18.27 13.42
C GLY A 42 12.35 -18.91 13.49
N PRO A 43 12.38 -20.21 13.79
CA PRO A 43 13.63 -20.97 13.89
C PRO A 43 14.30 -21.17 12.54
N SER A 44 13.47 -21.36 11.50
CA SER A 44 13.98 -21.58 10.15
C SER A 44 14.70 -20.33 9.64
N SER A 45 14.04 -19.18 9.79
CA SER A 45 14.61 -17.91 9.34
C SER A 45 16.08 -17.79 9.77
N GLY A 46 16.95 -17.56 8.79
CA GLY A 46 18.36 -17.42 9.08
C GLY A 46 18.67 -16.17 9.88
ZN ZN B . 0.83 -2.56 0.33
N GLY A 1 2.74 37.08 -3.05
CA GLY A 1 3.51 35.87 -2.83
C GLY A 1 3.78 35.60 -1.38
N SER A 2 4.80 36.27 -0.84
CA SER A 2 5.18 36.10 0.56
C SER A 2 4.99 34.65 0.99
N SER A 3 5.40 33.73 0.13
CA SER A 3 5.28 32.30 0.42
C SER A 3 6.64 31.65 0.56
N GLY A 4 6.66 30.39 0.98
CA GLY A 4 7.91 29.68 1.14
C GLY A 4 7.77 28.43 2.00
N SER A 5 7.06 28.56 3.10
CA SER A 5 6.85 27.45 4.02
C SER A 5 6.57 26.15 3.24
N SER A 6 7.15 25.06 3.71
CA SER A 6 6.97 23.76 3.05
C SER A 6 5.93 22.92 3.80
N GLY A 7 5.17 22.13 3.05
CA GLY A 7 4.15 21.28 3.64
C GLY A 7 3.52 20.34 2.63
N SER A 8 4.14 19.20 2.40
CA SER A 8 3.64 18.22 1.45
C SER A 8 4.36 16.89 1.61
N GLY A 9 3.61 15.80 1.43
CA GLY A 9 4.19 14.48 1.55
C GLY A 9 3.15 13.40 1.77
N GLU A 10 2.36 13.13 0.73
CA GLU A 10 1.31 12.12 0.82
C GLU A 10 0.66 11.90 -0.54
N LYS A 11 -0.26 10.93 -0.61
CA LYS A 11 -0.95 10.62 -1.84
C LYS A 11 -2.38 10.13 -1.56
N PRO A 12 -3.27 10.31 -2.54
CA PRO A 12 -4.67 9.89 -2.42
C PRO A 12 -4.83 8.38 -2.42
N PHE A 13 -4.02 7.70 -3.23
CA PHE A 13 -4.07 6.25 -3.34
C PHE A 13 -3.00 5.61 -2.46
N GLN A 14 -3.42 5.08 -1.31
CA GLN A 14 -2.49 4.45 -0.38
C GLN A 14 -3.00 3.07 0.01
N CYS A 15 -2.06 2.17 0.32
CA CYS A 15 -2.41 0.81 0.72
C CYS A 15 -3.16 0.80 2.04
N GLU A 16 -3.65 -0.38 2.43
CA GLU A 16 -4.38 -0.52 3.68
C GLU A 16 -3.62 -1.40 4.67
N GLU A 17 -2.71 -2.22 4.15
CA GLU A 17 -1.92 -3.12 4.97
C GLU A 17 -0.55 -2.50 5.28
N CYS A 18 -0.09 -1.64 4.40
CA CYS A 18 1.20 -0.98 4.56
C CYS A 18 1.07 0.54 4.39
N GLY A 19 -0.11 0.98 3.99
CA GLY A 19 -0.35 2.40 3.79
C GLY A 19 0.78 3.07 3.04
N LYS A 20 0.98 2.67 1.79
CA LYS A 20 2.04 3.24 0.96
C LYS A 20 1.51 4.43 0.16
N ARG A 21 2.38 5.02 -0.66
CA ARG A 21 2.01 6.16 -1.47
C ARG A 21 2.30 5.90 -2.94
N PHE A 22 1.30 6.13 -3.80
CA PHE A 22 1.45 5.91 -5.23
C PHE A 22 0.92 7.11 -6.02
N THR A 23 1.62 7.47 -7.08
CA THR A 23 1.22 8.59 -7.92
C THR A 23 0.00 8.24 -8.78
N GLN A 24 -0.28 6.93 -8.89
CA GLN A 24 -1.40 6.47 -9.68
C GLN A 24 -2.18 5.38 -8.94
N ASN A 25 -3.36 5.05 -9.45
CA ASN A 25 -4.20 4.03 -8.82
C ASN A 25 -3.73 2.62 -9.22
N SER A 26 -3.55 2.42 -10.52
CA SER A 26 -3.10 1.12 -11.03
C SER A 26 -2.00 0.55 -10.15
N HIS A 27 -1.01 1.38 -9.82
CA HIS A 27 0.10 0.95 -8.99
C HIS A 27 -0.40 0.28 -7.70
N LEU A 28 -1.48 0.83 -7.15
CA LEU A 28 -2.06 0.30 -5.91
C LEU A 28 -2.75 -1.04 -6.18
N HIS A 29 -3.63 -1.06 -7.17
CA HIS A 29 -4.36 -2.27 -7.52
C HIS A 29 -3.40 -3.46 -7.63
N SER A 30 -2.35 -3.29 -8.42
CA SER A 30 -1.37 -4.35 -8.62
C SER A 30 -0.53 -4.55 -7.36
N HIS A 31 -0.14 -3.45 -6.73
CA HIS A 31 0.67 -3.51 -5.51
C HIS A 31 0.01 -4.42 -4.48
N GLN A 32 -1.31 -4.43 -4.47
CA GLN A 32 -2.06 -5.26 -3.52
C GLN A 32 -1.58 -6.71 -3.56
N ARG A 33 -1.21 -7.17 -4.75
CA ARG A 33 -0.73 -8.54 -4.92
C ARG A 33 0.55 -8.77 -4.13
N VAL A 34 1.30 -7.69 -3.89
CA VAL A 34 2.55 -7.78 -3.15
C VAL A 34 2.31 -8.31 -1.73
N HIS A 35 1.04 -8.36 -1.34
CA HIS A 35 0.68 -8.85 -0.01
C HIS A 35 -0.07 -10.17 -0.10
N THR A 36 -0.02 -10.79 -1.28
CA THR A 36 -0.70 -12.06 -1.49
C THR A 36 -0.49 -13.01 -0.33
N GLY A 37 -1.57 -13.36 0.37
CA GLY A 37 -1.47 -14.26 1.50
C GLY A 37 -2.80 -14.94 1.80
N GLU A 38 -3.28 -15.73 0.85
CA GLU A 38 -4.54 -16.45 1.01
C GLU A 38 -4.33 -17.95 0.88
N LYS A 39 -3.25 -18.45 1.48
CA LYS A 39 -2.93 -19.87 1.42
C LYS A 39 -2.17 -20.30 2.66
N PRO A 40 -2.31 -21.59 3.03
CA PRO A 40 -1.63 -22.16 4.20
C PRO A 40 -0.13 -22.26 4.01
N SER A 41 0.56 -22.81 5.01
CA SER A 41 2.01 -22.96 4.95
C SER A 41 2.41 -23.84 3.77
N GLY A 42 1.72 -24.96 3.61
CA GLY A 42 2.02 -25.87 2.51
C GLY A 42 3.51 -26.09 2.33
N PRO A 43 4.05 -27.09 3.03
CA PRO A 43 5.48 -27.43 2.97
C PRO A 43 5.87 -28.03 1.62
N SER A 44 4.88 -28.25 0.76
CA SER A 44 5.12 -28.82 -0.56
C SER A 44 6.16 -28.01 -1.32
N SER A 45 6.77 -28.63 -2.32
CA SER A 45 7.78 -27.98 -3.13
C SER A 45 7.28 -26.65 -3.67
N GLY A 46 8.19 -25.72 -3.91
CA GLY A 46 7.82 -24.42 -4.42
C GLY A 46 8.22 -24.22 -5.88
ZN ZN B . 0.84 -2.60 0.50
N GLY A 1 9.73 15.27 12.53
CA GLY A 1 9.52 16.35 11.60
C GLY A 1 10.49 16.33 10.44
N SER A 2 10.59 15.19 9.77
CA SER A 2 11.50 15.03 8.65
C SER A 2 10.73 15.00 7.33
N SER A 3 10.40 16.18 6.83
CA SER A 3 9.66 16.29 5.57
C SER A 3 10.61 16.20 4.38
N GLY A 4 11.55 17.14 4.30
CA GLY A 4 12.50 17.14 3.21
C GLY A 4 11.99 17.91 2.01
N SER A 5 12.90 18.28 1.11
CA SER A 5 12.53 19.02 -0.09
C SER A 5 11.65 18.18 -1.00
N SER A 6 10.35 18.25 -0.78
CA SER A 6 9.39 17.49 -1.58
C SER A 6 8.10 18.28 -1.77
N GLY A 7 7.38 17.98 -2.85
CA GLY A 7 6.13 18.66 -3.13
C GLY A 7 4.93 17.76 -2.94
N SER A 8 4.79 16.77 -3.81
CA SER A 8 3.67 15.83 -3.74
C SER A 8 4.01 14.64 -2.85
N GLY A 9 4.57 14.91 -1.68
CA GLY A 9 4.94 13.86 -0.76
C GLY A 9 3.85 12.81 -0.62
N GLU A 10 2.84 13.12 0.19
CA GLU A 10 1.74 12.20 0.42
C GLU A 10 1.00 11.91 -0.88
N LYS A 11 0.15 10.88 -0.86
CA LYS A 11 -0.61 10.50 -2.04
C LYS A 11 -2.01 10.01 -1.65
N PRO A 12 -2.97 10.20 -2.56
CA PRO A 12 -4.36 9.79 -2.33
C PRO A 12 -4.53 8.28 -2.32
N PHE A 13 -3.83 7.60 -3.23
CA PHE A 13 -3.90 6.15 -3.32
C PHE A 13 -2.88 5.50 -2.40
N GLN A 14 -3.33 5.13 -1.20
CA GLN A 14 -2.45 4.49 -0.22
C GLN A 14 -2.96 3.10 0.14
N CYS A 15 -2.03 2.16 0.30
CA CYS A 15 -2.39 0.79 0.65
C CYS A 15 -3.14 0.74 1.98
N GLU A 16 -3.59 -0.46 2.35
CA GLU A 16 -4.34 -0.64 3.60
C GLU A 16 -3.55 -1.51 4.57
N GLU A 17 -2.66 -2.35 4.02
CA GLU A 17 -1.84 -3.24 4.84
C GLU A 17 -0.48 -2.61 5.13
N CYS A 18 -0.06 -1.70 4.27
CA CYS A 18 1.23 -1.03 4.44
C CYS A 18 1.08 0.49 4.28
N GLY A 19 -0.13 0.92 3.93
CA GLY A 19 -0.39 2.34 3.76
C GLY A 19 0.76 3.06 3.08
N LYS A 20 1.03 2.68 1.83
CA LYS A 20 2.10 3.29 1.06
C LYS A 20 1.59 4.48 0.26
N ARG A 21 2.47 5.06 -0.56
CA ARG A 21 2.10 6.21 -1.38
C ARG A 21 2.31 5.91 -2.86
N PHE A 22 1.31 6.18 -3.67
CA PHE A 22 1.39 5.95 -5.10
C PHE A 22 0.78 7.12 -5.89
N THR A 23 1.27 7.31 -7.11
CA THR A 23 0.79 8.39 -7.96
C THR A 23 -0.58 8.06 -8.54
N GLN A 24 -0.67 6.91 -9.20
CA GLN A 24 -1.93 6.49 -9.81
C GLN A 24 -2.51 5.28 -9.07
N ASN A 25 -3.73 4.91 -9.44
CA ASN A 25 -4.39 3.77 -8.80
C ASN A 25 -3.77 2.45 -9.24
N SER A 26 -3.61 2.30 -10.56
CA SER A 26 -3.03 1.08 -11.11
C SER A 26 -1.89 0.57 -10.22
N HIS A 27 -0.92 1.44 -9.95
CA HIS A 27 0.22 1.08 -9.12
C HIS A 27 -0.23 0.38 -7.85
N LEU A 28 -1.33 0.88 -7.27
CA LEU A 28 -1.88 0.30 -6.04
C LEU A 28 -2.57 -1.02 -6.33
N HIS A 29 -3.61 -0.98 -7.17
CA HIS A 29 -4.36 -2.17 -7.53
C HIS A 29 -3.43 -3.37 -7.72
N SER A 30 -2.32 -3.14 -8.41
CA SER A 30 -1.34 -4.19 -8.67
C SER A 30 -0.43 -4.41 -7.46
N HIS A 31 0.07 -3.31 -6.91
CA HIS A 31 0.95 -3.37 -5.76
C HIS A 31 0.37 -4.30 -4.68
N GLN A 32 -0.93 -4.19 -4.47
CA GLN A 32 -1.60 -5.02 -3.47
C GLN A 32 -1.18 -6.48 -3.59
N ARG A 33 -0.88 -6.90 -4.81
CA ARG A 33 -0.46 -8.28 -5.05
C ARG A 33 0.55 -8.73 -4.00
N VAL A 34 1.39 -7.80 -3.55
CA VAL A 34 2.40 -8.11 -2.54
C VAL A 34 1.77 -8.74 -1.31
N HIS A 35 0.63 -8.21 -0.89
CA HIS A 35 -0.08 -8.72 0.27
C HIS A 35 -1.11 -9.76 -0.14
N THR A 36 -0.95 -10.32 -1.33
CA THR A 36 -1.87 -11.33 -1.85
C THR A 36 -1.93 -12.54 -0.92
N GLY A 37 -0.85 -12.76 -0.17
CA GLY A 37 -0.80 -13.88 0.74
C GLY A 37 0.28 -14.89 0.35
N GLU A 38 1.53 -14.51 0.56
CA GLU A 38 2.66 -15.38 0.23
C GLU A 38 3.42 -15.79 1.49
N LYS A 39 3.98 -16.99 1.47
CA LYS A 39 4.74 -17.50 2.61
C LYS A 39 5.47 -18.78 2.24
N PRO A 40 6.68 -18.96 2.81
CA PRO A 40 7.50 -20.15 2.56
C PRO A 40 6.91 -21.41 3.18
N SER A 41 6.81 -22.46 2.38
CA SER A 41 6.25 -23.73 2.86
C SER A 41 7.23 -24.44 3.79
N GLY A 42 8.40 -23.82 3.99
CA GLY A 42 9.41 -24.40 4.86
C GLY A 42 9.67 -25.86 4.55
N PRO A 43 10.47 -26.52 5.40
CA PRO A 43 10.82 -27.93 5.22
C PRO A 43 9.63 -28.86 5.45
N SER A 44 8.92 -28.64 6.56
CA SER A 44 7.76 -29.45 6.89
C SER A 44 6.78 -28.68 7.77
N SER A 45 5.63 -29.29 8.06
CA SER A 45 4.62 -28.66 8.89
C SER A 45 4.21 -27.30 8.31
N GLY A 46 4.03 -27.25 7.00
CA GLY A 46 3.65 -26.03 6.34
C GLY A 46 2.72 -25.18 7.20
ZN ZN B . 0.83 -2.64 0.38
N GLY A 1 10.79 10.39 21.21
CA GLY A 1 9.91 10.74 20.10
C GLY A 1 10.28 10.01 18.83
N SER A 2 9.27 9.57 18.09
CA SER A 2 9.50 8.85 16.84
C SER A 2 8.58 9.36 15.74
N SER A 3 9.08 10.31 14.94
CA SER A 3 8.29 10.88 13.86
C SER A 3 9.17 11.17 12.65
N GLY A 4 8.55 11.19 11.46
CA GLY A 4 9.29 11.45 10.24
C GLY A 4 8.58 12.41 9.32
N SER A 5 9.29 13.43 8.87
CA SER A 5 8.71 14.43 7.98
C SER A 5 9.17 14.21 6.54
N SER A 6 8.45 13.36 5.81
CA SER A 6 8.78 13.06 4.42
C SER A 6 7.97 13.93 3.47
N GLY A 7 6.66 13.99 3.71
CA GLY A 7 5.79 14.79 2.87
C GLY A 7 5.67 14.22 1.46
N SER A 8 6.49 14.72 0.55
CA SER A 8 6.47 14.26 -0.84
C SER A 8 5.04 14.22 -1.37
N GLY A 9 4.25 15.21 -1.00
CA GLY A 9 2.86 15.27 -1.44
C GLY A 9 2.08 14.05 -1.06
N GLU A 10 1.43 14.10 0.10
CA GLU A 10 0.64 12.97 0.59
C GLU A 10 -0.25 12.41 -0.51
N LYS A 11 0.26 11.39 -1.21
CA LYS A 11 -0.49 10.76 -2.28
C LYS A 11 -1.88 10.33 -1.82
N PRO A 12 -2.87 10.47 -2.70
CA PRO A 12 -4.26 10.10 -2.41
C PRO A 12 -4.44 8.59 -2.29
N PHE A 13 -3.85 7.85 -3.23
CA PHE A 13 -3.95 6.39 -3.22
C PHE A 13 -2.95 5.78 -2.24
N GLN A 14 -3.47 5.11 -1.21
CA GLN A 14 -2.62 4.48 -0.21
C GLN A 14 -3.15 3.10 0.14
N CYS A 15 -2.23 2.15 0.32
CA CYS A 15 -2.60 0.78 0.67
C CYS A 15 -3.39 0.75 1.98
N GLU A 16 -3.76 -0.46 2.40
CA GLU A 16 -4.52 -0.63 3.64
C GLU A 16 -3.73 -1.46 4.65
N GLU A 17 -2.81 -2.28 4.14
CA GLU A 17 -1.98 -3.13 5.00
C GLU A 17 -0.63 -2.48 5.26
N CYS A 18 -0.21 -1.59 4.37
CA CYS A 18 1.06 -0.90 4.51
C CYS A 18 0.88 0.62 4.42
N GLY A 19 -0.29 1.03 3.92
CA GLY A 19 -0.57 2.45 3.80
C GLY A 19 0.45 3.17 2.94
N LYS A 20 1.07 2.44 2.02
CA LYS A 20 2.08 3.01 1.13
C LYS A 20 1.50 4.16 0.31
N ARG A 21 2.29 4.69 -0.61
CA ARG A 21 1.86 5.79 -1.46
C ARG A 21 2.10 5.47 -2.93
N PHE A 22 1.28 6.04 -3.80
CA PHE A 22 1.40 5.83 -5.23
C PHE A 22 0.80 6.99 -6.02
N THR A 23 1.43 7.32 -7.13
CA THR A 23 0.97 8.42 -7.98
C THR A 23 -0.04 7.93 -9.02
N GLN A 24 -0.30 6.63 -9.01
CA GLN A 24 -1.23 6.03 -9.96
C GLN A 24 -2.13 5.01 -9.25
N ASN A 25 -3.44 5.16 -9.44
CA ASN A 25 -4.39 4.24 -8.83
C ASN A 25 -4.07 2.79 -9.17
N SER A 26 -3.95 2.52 -10.47
CA SER A 26 -3.64 1.17 -10.93
C SER A 26 -2.40 0.61 -10.23
N HIS A 27 -1.36 1.43 -10.14
CA HIS A 27 -0.12 1.03 -9.50
C HIS A 27 -0.41 0.40 -8.13
N LEU A 28 -1.28 1.04 -7.37
CA LEU A 28 -1.63 0.54 -6.04
C LEU A 28 -2.38 -0.78 -6.14
N HIS A 29 -3.44 -0.80 -6.92
CA HIS A 29 -4.23 -2.02 -7.09
C HIS A 29 -3.33 -3.23 -7.33
N SER A 30 -2.36 -3.06 -8.22
CA SER A 30 -1.42 -4.14 -8.54
C SER A 30 -0.48 -4.40 -7.38
N HIS A 31 0.02 -3.33 -6.77
CA HIS A 31 0.95 -3.43 -5.65
C HIS A 31 0.39 -4.39 -4.59
N GLN A 32 -0.90 -4.26 -4.30
CA GLN A 32 -1.54 -5.12 -3.30
C GLN A 32 -1.12 -6.58 -3.49
N ARG A 33 -0.94 -6.99 -4.74
CA ARG A 33 -0.54 -8.36 -5.04
C ARG A 33 0.60 -8.81 -4.12
N VAL A 34 1.55 -7.92 -3.89
CA VAL A 34 2.69 -8.22 -3.04
C VAL A 34 2.23 -8.83 -1.71
N HIS A 35 1.10 -8.34 -1.20
CA HIS A 35 0.56 -8.84 0.06
C HIS A 35 -0.01 -10.24 -0.12
N THR A 36 -0.44 -10.56 -1.33
CA THR A 36 -1.00 -11.87 -1.62
C THR A 36 -1.92 -12.34 -0.50
N GLY A 37 -2.63 -11.39 0.12
CA GLY A 37 -3.53 -11.71 1.20
C GLY A 37 -4.97 -11.33 0.89
N GLU A 38 -5.44 -11.71 -0.30
CA GLU A 38 -6.80 -11.39 -0.71
C GLU A 38 -7.62 -12.66 -0.88
N LYS A 39 -8.70 -12.77 -0.10
CA LYS A 39 -9.58 -13.93 -0.17
C LYS A 39 -10.64 -13.76 -1.24
N PRO A 40 -10.98 -14.86 -1.93
CA PRO A 40 -12.00 -14.85 -2.99
C PRO A 40 -13.40 -14.63 -2.44
N SER A 41 -13.63 -15.08 -1.22
CA SER A 41 -14.94 -14.93 -0.58
C SER A 41 -14.88 -15.31 0.89
N GLY A 42 -15.41 -14.43 1.74
CA GLY A 42 -15.40 -14.69 3.18
C GLY A 42 -16.69 -15.34 3.65
N PRO A 43 -16.77 -15.60 4.97
CA PRO A 43 -17.96 -16.21 5.57
C PRO A 43 -19.16 -15.28 5.58
N SER A 44 -20.33 -15.84 5.88
CA SER A 44 -21.56 -15.06 5.91
C SER A 44 -21.39 -13.81 6.76
N SER A 45 -20.94 -14.00 8.00
CA SER A 45 -20.73 -12.89 8.92
C SER A 45 -19.34 -12.28 8.73
N GLY A 46 -19.16 -11.07 9.25
CA GLY A 46 -17.87 -10.39 9.13
C GLY A 46 -17.30 -10.00 10.48
ZN ZN B . 0.62 -2.65 0.49
N GLY A 1 -1.66 -3.09 21.34
CA GLY A 1 -2.24 -2.18 20.37
C GLY A 1 -2.23 -0.74 20.85
N SER A 2 -1.05 -0.13 20.84
CA SER A 2 -0.90 1.24 21.28
C SER A 2 -0.69 2.18 20.09
N SER A 3 -1.45 1.95 19.02
CA SER A 3 -1.35 2.76 17.82
C SER A 3 -2.56 3.67 17.67
N GLY A 4 -2.43 4.71 16.84
CA GLY A 4 -3.52 5.63 16.62
C GLY A 4 -3.03 7.04 16.34
N SER A 5 -3.40 7.57 15.18
CA SER A 5 -2.99 8.92 14.78
C SER A 5 -3.90 9.46 13.68
N SER A 6 -3.78 10.75 13.41
CA SER A 6 -4.59 11.39 12.38
C SER A 6 -3.82 12.52 11.70
N GLY A 7 -4.17 12.82 10.46
CA GLY A 7 -3.51 13.86 9.72
C GLY A 7 -3.81 13.82 8.24
N SER A 8 -2.88 14.32 7.42
CA SER A 8 -3.05 14.34 5.98
C SER A 8 -2.09 13.38 5.30
N GLY A 9 -2.37 13.05 4.04
CA GLY A 9 -1.52 12.13 3.30
C GLY A 9 -0.86 12.79 2.11
N GLU A 10 0.28 12.26 1.69
CA GLU A 10 1.01 12.80 0.56
C GLU A 10 0.31 12.47 -0.75
N LYS A 11 -0.19 11.24 -0.86
CA LYS A 11 -0.89 10.80 -2.07
C LYS A 11 -2.29 10.30 -1.72
N PRO A 12 -3.21 10.41 -2.69
CA PRO A 12 -4.60 9.98 -2.52
C PRO A 12 -4.73 8.46 -2.44
N PHE A 13 -3.96 7.76 -3.26
CA PHE A 13 -3.98 6.30 -3.28
C PHE A 13 -2.93 5.73 -2.32
N GLN A 14 -3.38 4.89 -1.40
CA GLN A 14 -2.49 4.26 -0.42
C GLN A 14 -2.97 2.87 -0.05
N CYS A 15 -2.03 1.98 0.23
CA CYS A 15 -2.35 0.60 0.59
C CYS A 15 -3.15 0.57 1.89
N GLU A 16 -3.53 -0.64 2.32
CA GLU A 16 -4.29 -0.81 3.54
C GLU A 16 -3.52 -1.64 4.55
N GLU A 17 -2.63 -2.49 4.05
CA GLU A 17 -1.82 -3.34 4.92
C GLU A 17 -0.46 -2.69 5.21
N CYS A 18 -0.04 -1.79 4.33
CA CYS A 18 1.23 -1.10 4.49
C CYS A 18 1.07 0.40 4.28
N GLY A 19 -0.15 0.82 3.98
CA GLY A 19 -0.43 2.23 3.77
C GLY A 19 0.73 2.94 3.08
N LYS A 20 0.92 2.65 1.80
CA LYS A 20 1.98 3.26 1.02
C LYS A 20 1.47 4.46 0.23
N ARG A 21 2.34 5.04 -0.59
CA ARG A 21 1.97 6.20 -1.39
C ARG A 21 2.32 5.97 -2.86
N PHE A 22 1.32 6.06 -3.73
CA PHE A 22 1.53 5.87 -5.16
C PHE A 22 0.95 7.03 -5.96
N THR A 23 1.52 7.28 -7.13
CA THR A 23 1.07 8.37 -7.99
C THR A 23 -0.28 8.05 -8.61
N GLN A 24 -0.39 6.88 -9.21
CA GLN A 24 -1.64 6.45 -9.85
C GLN A 24 -2.26 5.29 -9.09
N ASN A 25 -3.57 5.11 -9.24
CA ASN A 25 -4.29 4.04 -8.58
C ASN A 25 -3.87 2.68 -9.13
N SER A 26 -3.79 2.58 -10.46
CA SER A 26 -3.40 1.34 -11.11
C SER A 26 -2.18 0.73 -10.43
N HIS A 27 -1.17 1.55 -10.20
CA HIS A 27 0.07 1.10 -9.56
C HIS A 27 -0.24 0.43 -8.22
N LEU A 28 -1.25 0.93 -7.52
CA LEU A 28 -1.64 0.38 -6.23
C LEU A 28 -2.39 -0.93 -6.40
N HIS A 29 -3.50 -0.89 -7.12
CA HIS A 29 -4.30 -2.07 -7.37
C HIS A 29 -3.42 -3.31 -7.55
N SER A 30 -2.36 -3.15 -8.33
CA SER A 30 -1.43 -4.24 -8.60
C SER A 30 -0.52 -4.48 -7.40
N HIS A 31 -0.07 -3.39 -6.79
CA HIS A 31 0.81 -3.49 -5.62
C HIS A 31 0.17 -4.32 -4.52
N GLN A 32 -1.15 -4.19 -4.37
CA GLN A 32 -1.88 -4.93 -3.35
C GLN A 32 -1.49 -6.40 -3.36
N ARG A 33 -0.98 -6.87 -4.50
CA ARG A 33 -0.57 -8.26 -4.64
C ARG A 33 0.54 -8.60 -3.67
N VAL A 34 1.47 -7.66 -3.47
CA VAL A 34 2.59 -7.86 -2.57
C VAL A 34 2.13 -8.51 -1.27
N HIS A 35 0.84 -8.37 -0.96
CA HIS A 35 0.28 -8.95 0.25
C HIS A 35 -0.73 -10.03 -0.08
N THR A 36 -1.28 -9.98 -1.28
CA THR A 36 -2.26 -10.97 -1.73
C THR A 36 -1.88 -12.36 -1.28
N GLY A 37 -2.40 -12.78 -0.12
CA GLY A 37 -2.09 -14.09 0.41
C GLY A 37 -1.26 -14.04 1.66
N GLU A 38 -1.78 -13.36 2.69
CA GLU A 38 -1.07 -13.24 3.95
C GLU A 38 -1.51 -14.32 4.94
N LYS A 39 -0.55 -14.92 5.63
CA LYS A 39 -0.83 -15.97 6.59
C LYS A 39 -0.28 -15.61 7.97
N PRO A 40 -1.08 -15.85 9.02
CA PRO A 40 -0.68 -15.56 10.40
C PRO A 40 0.41 -16.50 10.89
N SER A 41 1.48 -15.92 11.43
CA SER A 41 2.60 -16.70 11.95
C SER A 41 2.40 -17.02 13.41
N GLY A 42 3.23 -17.94 13.93
CA GLY A 42 3.13 -18.33 15.32
C GLY A 42 4.25 -17.77 16.17
N PRO A 43 5.42 -18.43 16.11
CA PRO A 43 6.61 -18.01 16.87
C PRO A 43 7.20 -16.71 16.33
N SER A 44 6.93 -16.41 15.07
CA SER A 44 7.45 -15.21 14.43
C SER A 44 6.60 -14.00 14.79
N SER A 45 6.95 -13.36 15.90
CA SER A 45 6.22 -12.18 16.37
C SER A 45 6.77 -10.91 15.73
N GLY A 46 5.87 -10.09 15.19
CA GLY A 46 6.28 -8.85 14.55
C GLY A 46 5.38 -8.48 13.39
ZN ZN B . 0.99 -2.74 0.40
N GLY A 1 8.66 27.14 13.36
CA GLY A 1 9.06 26.21 12.33
C GLY A 1 8.00 26.02 11.26
N SER A 2 7.71 24.77 10.92
CA SER A 2 6.71 24.47 9.90
C SER A 2 5.47 23.85 10.52
N SER A 3 4.58 24.70 11.02
CA SER A 3 3.35 24.24 11.65
C SER A 3 2.29 23.93 10.59
N GLY A 4 1.90 24.94 9.84
CA GLY A 4 0.89 24.76 8.81
C GLY A 4 1.50 24.45 7.46
N SER A 5 0.89 24.97 6.40
CA SER A 5 1.37 24.74 5.05
C SER A 5 1.88 23.31 4.88
N SER A 6 1.13 22.37 5.46
CA SER A 6 1.50 20.96 5.38
C SER A 6 0.58 20.21 4.42
N GLY A 7 1.16 19.27 3.66
CA GLY A 7 0.37 18.50 2.72
C GLY A 7 0.75 18.78 1.28
N SER A 8 1.95 18.39 0.90
CA SER A 8 2.44 18.62 -0.47
C SER A 8 2.00 17.48 -1.38
N GLY A 9 2.15 16.26 -0.92
CA GLY A 9 1.78 15.10 -1.71
C GLY A 9 0.51 14.44 -1.20
N GLU A 10 0.53 13.99 0.05
CA GLU A 10 -0.61 13.34 0.66
C GLU A 10 -1.37 12.51 -0.38
N LYS A 11 -0.63 11.82 -1.24
CA LYS A 11 -1.24 10.99 -2.28
C LYS A 11 -2.50 10.31 -1.76
N PRO A 12 -3.57 10.37 -2.56
CA PRO A 12 -4.86 9.77 -2.21
C PRO A 12 -4.81 8.25 -2.24
N PHE A 13 -3.97 7.70 -3.11
CA PHE A 13 -3.83 6.26 -3.24
C PHE A 13 -2.82 5.72 -2.22
N GLN A 14 -3.32 5.00 -1.22
CA GLN A 14 -2.45 4.44 -0.19
C GLN A 14 -2.96 3.06 0.24
N CYS A 15 -2.04 2.10 0.34
CA CYS A 15 -2.40 0.74 0.75
C CYS A 15 -3.12 0.75 2.09
N GLU A 16 -3.57 -0.43 2.52
CA GLU A 16 -4.28 -0.56 3.79
C GLU A 16 -3.49 -1.43 4.76
N GLU A 17 -2.65 -2.30 4.22
CA GLU A 17 -1.84 -3.20 5.03
C GLU A 17 -0.45 -2.63 5.25
N CYS A 18 -0.04 -1.73 4.37
CA CYS A 18 1.28 -1.10 4.47
C CYS A 18 1.18 0.41 4.28
N GLY A 19 -0.05 0.90 4.08
CA GLY A 19 -0.26 2.32 3.89
C GLY A 19 0.89 2.98 3.15
N LYS A 20 1.00 2.70 1.86
CA LYS A 20 2.06 3.28 1.04
C LYS A 20 1.54 4.47 0.25
N ARG A 21 2.40 5.02 -0.62
CA ARG A 21 2.03 6.16 -1.44
C ARG A 21 2.22 5.86 -2.92
N PHE A 22 1.19 6.14 -3.71
CA PHE A 22 1.25 5.90 -5.15
C PHE A 22 0.60 7.05 -5.92
N THR A 23 1.11 7.30 -7.12
CA THR A 23 0.59 8.37 -7.96
C THR A 23 -0.50 7.86 -8.90
N GLN A 24 -0.35 6.62 -9.34
CA GLN A 24 -1.31 6.01 -10.25
C GLN A 24 -2.14 4.95 -9.53
N ASN A 25 -3.45 4.99 -9.72
CA ASN A 25 -4.34 4.02 -9.10
C ASN A 25 -3.93 2.59 -9.42
N SER A 26 -3.48 2.39 -10.67
CA SER A 26 -3.05 1.07 -11.11
C SER A 26 -1.90 0.54 -10.25
N HIS A 27 -0.92 1.40 -10.02
CA HIS A 27 0.24 1.02 -9.21
C HIS A 27 -0.20 0.38 -7.90
N LEU A 28 -1.14 1.02 -7.21
CA LEU A 28 -1.64 0.51 -5.95
C LEU A 28 -2.35 -0.83 -6.14
N HIS A 29 -3.42 -0.82 -6.91
CA HIS A 29 -4.18 -2.04 -7.18
C HIS A 29 -3.25 -3.21 -7.49
N SER A 30 -2.32 -2.99 -8.42
CA SER A 30 -1.36 -4.02 -8.80
C SER A 30 -0.34 -4.26 -7.69
N HIS A 31 -0.17 -3.26 -6.84
CA HIS A 31 0.77 -3.36 -5.73
C HIS A 31 0.23 -4.27 -4.63
N GLN A 32 -1.05 -4.11 -4.31
CA GLN A 32 -1.69 -4.90 -3.27
C GLN A 32 -1.39 -6.39 -3.47
N ARG A 33 -0.98 -6.75 -4.69
CA ARG A 33 -0.67 -8.13 -5.00
C ARG A 33 0.41 -8.67 -4.07
N VAL A 34 1.33 -7.80 -3.66
CA VAL A 34 2.41 -8.19 -2.77
C VAL A 34 1.87 -8.79 -1.47
N HIS A 35 0.60 -8.51 -1.19
CA HIS A 35 -0.04 -9.02 0.02
C HIS A 35 -0.89 -10.25 -0.29
N THR A 36 -0.58 -10.91 -1.40
CA THR A 36 -1.32 -12.10 -1.82
C THR A 36 -1.79 -12.90 -0.61
N GLY A 37 -0.85 -13.59 0.04
CA GLY A 37 -1.20 -14.38 1.21
C GLY A 37 -0.45 -15.70 1.24
N GLU A 38 0.76 -15.71 0.71
CA GLU A 38 1.57 -16.93 0.68
C GLU A 38 2.50 -16.98 1.90
N LYS A 39 2.09 -16.34 2.98
CA LYS A 39 2.89 -16.32 4.20
C LYS A 39 2.92 -17.70 4.85
N PRO A 40 4.08 -18.08 5.40
CA PRO A 40 4.28 -19.36 6.06
C PRO A 40 3.51 -19.46 7.38
N SER A 41 2.84 -18.38 7.75
CA SER A 41 2.08 -18.33 8.99
C SER A 41 0.64 -18.75 8.75
N GLY A 42 0.41 -20.05 8.59
CA GLY A 42 -0.93 -20.54 8.36
C GLY A 42 -0.96 -21.61 7.27
N PRO A 43 -1.81 -22.63 7.47
CA PRO A 43 -1.96 -23.73 6.51
C PRO A 43 -2.65 -23.28 5.23
N SER A 44 -2.09 -23.68 4.09
CA SER A 44 -2.65 -23.32 2.79
C SER A 44 -4.08 -23.82 2.66
N SER A 45 -4.70 -23.53 1.52
CA SER A 45 -6.08 -23.95 1.27
C SER A 45 -7.02 -23.40 2.35
N GLY A 46 -6.81 -22.14 2.71
CA GLY A 46 -7.65 -21.51 3.72
C GLY A 46 -9.02 -21.13 3.19
ZN ZN B . 0.80 -2.67 0.37
N GLY A 1 -6.31 20.96 15.88
CA GLY A 1 -5.14 21.72 15.50
C GLY A 1 -3.86 20.92 15.69
N SER A 2 -2.78 21.60 16.04
CA SER A 2 -1.49 20.95 16.23
C SER A 2 -1.24 19.90 15.15
N SER A 3 -1.57 20.25 13.91
CA SER A 3 -1.38 19.33 12.79
C SER A 3 0.09 19.25 12.40
N GLY A 4 0.45 18.14 11.75
CA GLY A 4 1.83 17.96 11.33
C GLY A 4 2.13 16.53 10.94
N SER A 5 1.61 15.58 11.73
CA SER A 5 1.83 14.17 11.47
C SER A 5 1.66 13.85 9.99
N SER A 6 0.58 14.37 9.41
CA SER A 6 0.29 14.13 8.00
C SER A 6 1.06 15.12 7.11
N GLY A 7 1.93 14.58 6.27
CA GLY A 7 2.73 15.42 5.38
C GLY A 7 3.78 14.63 4.64
N SER A 8 4.50 13.77 5.36
CA SER A 8 5.56 12.97 4.77
C SER A 8 5.19 12.54 3.36
N GLY A 9 3.96 12.03 3.20
CA GLY A 9 3.50 11.59 1.90
C GLY A 9 2.62 12.63 1.21
N GLU A 10 2.63 12.60 -0.12
CA GLU A 10 1.84 13.55 -0.90
C GLU A 10 1.07 12.84 -2.00
N LYS A 11 0.46 11.71 -1.67
CA LYS A 11 -0.30 10.92 -2.63
C LYS A 11 -1.65 10.49 -2.04
N PRO A 12 -2.70 10.59 -2.86
CA PRO A 12 -4.05 10.21 -2.43
C PRO A 12 -4.21 8.71 -2.26
N PHE A 13 -3.79 7.95 -3.27
CA PHE A 13 -3.88 6.49 -3.21
C PHE A 13 -2.91 5.93 -2.19
N GLN A 14 -3.42 5.12 -1.28
CA GLN A 14 -2.60 4.50 -0.25
C GLN A 14 -3.07 3.09 0.07
N CYS A 15 -2.14 2.23 0.47
CA CYS A 15 -2.46 0.85 0.79
C CYS A 15 -3.28 0.76 2.08
N GLU A 16 -3.64 -0.45 2.47
CA GLU A 16 -4.43 -0.66 3.68
C GLU A 16 -3.65 -1.51 4.69
N GLU A 17 -2.76 -2.36 4.19
CA GLU A 17 -1.95 -3.22 5.05
C GLU A 17 -0.60 -2.58 5.34
N CYS A 18 -0.17 -1.69 4.45
CA CYS A 18 1.11 -1.01 4.62
C CYS A 18 0.96 0.49 4.36
N GLY A 19 -0.28 0.93 4.16
CA GLY A 19 -0.53 2.34 3.91
C GLY A 19 0.54 2.98 3.05
N LYS A 20 0.87 2.33 1.94
CA LYS A 20 1.89 2.84 1.03
C LYS A 20 1.37 4.07 0.28
N ARG A 21 2.18 4.56 -0.66
CA ARG A 21 1.81 5.73 -1.44
C ARG A 21 2.10 5.51 -2.92
N PHE A 22 1.21 5.97 -3.78
CA PHE A 22 1.37 5.82 -5.22
C PHE A 22 0.69 6.96 -5.96
N THR A 23 1.17 7.25 -7.17
CA THR A 23 0.62 8.32 -7.99
C THR A 23 -0.54 7.81 -8.83
N GLN A 24 -0.35 6.68 -9.50
CA GLN A 24 -1.39 6.10 -10.35
C GLN A 24 -2.15 5.02 -9.60
N ASN A 25 -3.48 5.10 -9.64
CA ASN A 25 -4.33 4.13 -8.96
C ASN A 25 -3.90 2.71 -9.30
N SER A 26 -3.59 2.47 -10.57
CA SER A 26 -3.16 1.15 -11.02
C SER A 26 -2.03 0.62 -10.16
N HIS A 27 -1.02 1.46 -9.94
CA HIS A 27 0.13 1.08 -9.13
C HIS A 27 -0.32 0.40 -7.83
N LEU A 28 -1.36 0.95 -7.21
CA LEU A 28 -1.87 0.40 -5.97
C LEU A 28 -2.55 -0.95 -6.21
N HIS A 29 -3.67 -0.93 -6.92
CA HIS A 29 -4.41 -2.15 -7.22
C HIS A 29 -3.46 -3.31 -7.46
N SER A 30 -2.39 -3.05 -8.20
CA SER A 30 -1.40 -4.07 -8.50
C SER A 30 -0.49 -4.33 -7.31
N HIS A 31 0.00 -3.25 -6.71
CA HIS A 31 0.89 -3.36 -5.55
C HIS A 31 0.28 -4.26 -4.48
N GLN A 32 -1.03 -4.12 -4.26
CA GLN A 32 -1.73 -4.93 -3.27
C GLN A 32 -1.38 -6.40 -3.43
N ARG A 33 -1.00 -6.78 -4.64
CA ARG A 33 -0.65 -8.17 -4.93
C ARG A 33 0.56 -8.61 -4.10
N VAL A 34 1.50 -7.69 -3.91
CA VAL A 34 2.70 -7.98 -3.14
C VAL A 34 2.37 -8.65 -1.81
N HIS A 35 1.15 -8.40 -1.33
CA HIS A 35 0.69 -8.99 -0.07
C HIS A 35 -0.01 -10.32 -0.30
N THR A 36 0.28 -10.94 -1.45
CA THR A 36 -0.33 -12.22 -1.79
C THR A 36 -0.61 -13.05 -0.54
N GLY A 37 0.39 -13.18 0.32
CA GLY A 37 0.23 -13.95 1.54
C GLY A 37 -1.16 -13.80 2.14
N GLU A 38 -1.37 -12.70 2.85
CA GLU A 38 -2.67 -12.45 3.49
C GLU A 38 -3.76 -12.29 2.43
N LYS A 39 -4.19 -13.41 1.87
CA LYS A 39 -5.24 -13.40 0.85
C LYS A 39 -5.85 -14.78 0.69
N PRO A 40 -7.20 -14.84 0.70
CA PRO A 40 -7.93 -16.10 0.56
C PRO A 40 -7.82 -16.68 -0.85
N SER A 41 -7.22 -15.91 -1.76
CA SER A 41 -7.05 -16.34 -3.15
C SER A 41 -5.60 -16.75 -3.41
N GLY A 42 -5.40 -18.02 -3.75
CA GLY A 42 -4.07 -18.51 -4.03
C GLY A 42 -3.81 -18.65 -5.51
N PRO A 43 -4.01 -19.87 -6.04
CA PRO A 43 -3.79 -20.17 -7.46
C PRO A 43 -4.83 -19.50 -8.35
N SER A 44 -5.99 -19.19 -7.78
CA SER A 44 -7.06 -18.55 -8.52
C SER A 44 -7.11 -19.07 -9.96
N SER A 45 -7.05 -20.39 -10.11
CA SER A 45 -7.09 -21.02 -11.42
C SER A 45 -8.07 -22.18 -11.45
N GLY A 46 -9.08 -22.07 -12.31
CA GLY A 46 -10.07 -23.12 -12.42
C GLY A 46 -11.04 -22.90 -13.57
ZN ZN B . 0.85 -2.58 0.55
N GLY A 1 18.60 30.49 13.43
CA GLY A 1 17.96 29.87 12.30
C GLY A 1 17.00 28.76 12.70
N SER A 2 16.63 27.91 11.74
CA SER A 2 15.71 26.82 12.00
C SER A 2 16.08 25.59 11.15
N SER A 3 16.36 24.48 11.83
CA SER A 3 16.73 23.25 11.14
C SER A 3 15.89 22.08 11.64
N GLY A 4 15.51 21.19 10.72
CA GLY A 4 14.72 20.04 11.09
C GLY A 4 14.04 19.40 9.90
N SER A 5 13.21 18.39 10.15
CA SER A 5 12.51 17.68 9.09
C SER A 5 11.71 18.65 8.22
N SER A 6 11.65 18.38 6.93
CA SER A 6 10.92 19.23 5.99
C SER A 6 10.54 18.46 4.74
N GLY A 7 9.43 18.86 4.13
CA GLY A 7 8.96 18.19 2.93
C GLY A 7 7.98 17.08 3.22
N SER A 8 6.70 17.43 3.37
CA SER A 8 5.66 16.45 3.66
C SER A 8 5.12 15.84 2.37
N GLY A 9 5.18 14.51 2.28
CA GLY A 9 4.68 13.82 1.11
C GLY A 9 3.46 12.97 1.40
N GLU A 10 2.39 13.18 0.64
CA GLU A 10 1.16 12.43 0.83
C GLU A 10 0.42 12.24 -0.50
N LYS A 11 -0.19 11.08 -0.67
CA LYS A 11 -0.93 10.77 -1.89
C LYS A 11 -2.31 10.23 -1.58
N PRO A 12 -3.24 10.39 -2.52
CA PRO A 12 -4.63 9.92 -2.36
C PRO A 12 -4.72 8.40 -2.38
N PHE A 13 -3.93 7.77 -3.24
CA PHE A 13 -3.92 6.32 -3.35
C PHE A 13 -2.92 5.70 -2.39
N GLN A 14 -3.43 5.14 -1.29
CA GLN A 14 -2.57 4.52 -0.29
C GLN A 14 -3.05 3.09 0.02
N CYS A 15 -2.10 2.21 0.30
CA CYS A 15 -2.42 0.82 0.61
C CYS A 15 -3.21 0.72 1.90
N GLU A 16 -3.61 -0.49 2.26
CA GLU A 16 -4.38 -0.72 3.48
C GLU A 16 -3.61 -1.61 4.44
N GLU A 17 -2.70 -2.42 3.92
CA GLU A 17 -1.90 -3.31 4.74
C GLU A 17 -0.55 -2.68 5.07
N CYS A 18 -0.12 -1.75 4.23
CA CYS A 18 1.17 -1.08 4.43
C CYS A 18 1.00 0.43 4.27
N GLY A 19 -0.19 0.87 3.90
CA GLY A 19 -0.45 2.27 3.72
C GLY A 19 0.70 2.99 3.03
N LYS A 20 1.01 2.57 1.81
CA LYS A 20 2.10 3.17 1.05
C LYS A 20 1.59 4.32 0.19
N ARG A 21 2.46 4.87 -0.64
CA ARG A 21 2.09 5.98 -1.52
C ARG A 21 2.27 5.60 -2.98
N PHE A 22 1.29 5.97 -3.81
CA PHE A 22 1.34 5.66 -5.23
C PHE A 22 0.72 6.79 -6.05
N THR A 23 1.49 7.29 -7.01
CA THR A 23 1.01 8.38 -7.87
C THR A 23 -0.28 8.00 -8.58
N GLN A 24 -0.27 6.83 -9.23
CA GLN A 24 -1.44 6.35 -9.95
C GLN A 24 -2.18 5.29 -9.14
N ASN A 25 -3.47 5.12 -9.43
CA ASN A 25 -4.28 4.15 -8.73
C ASN A 25 -3.92 2.73 -9.15
N SER A 26 -3.76 2.53 -10.46
CA SER A 26 -3.42 1.22 -11.00
C SER A 26 -2.22 0.63 -10.26
N HIS A 27 -1.19 1.43 -10.08
CA HIS A 27 0.02 0.99 -9.38
C HIS A 27 -0.33 0.38 -8.03
N LEU A 28 -1.31 0.96 -7.36
CA LEU A 28 -1.74 0.47 -6.04
C LEU A 28 -2.43 -0.87 -6.18
N HIS A 29 -3.54 -0.90 -6.92
CA HIS A 29 -4.30 -2.13 -7.12
C HIS A 29 -3.37 -3.31 -7.35
N SER A 30 -2.41 -3.14 -8.25
CA SER A 30 -1.45 -4.19 -8.57
C SER A 30 -0.48 -4.41 -7.41
N HIS A 31 -0.05 -3.31 -6.80
CA HIS A 31 0.89 -3.39 -5.67
C HIS A 31 0.30 -4.21 -4.53
N GLN A 32 -1.03 -4.19 -4.41
CA GLN A 32 -1.72 -4.94 -3.36
C GLN A 32 -1.38 -6.42 -3.45
N ARG A 33 -0.89 -6.85 -4.60
CA ARG A 33 -0.53 -8.25 -4.81
C ARG A 33 0.65 -8.64 -3.94
N VAL A 34 1.42 -7.65 -3.51
CA VAL A 34 2.58 -7.88 -2.67
C VAL A 34 2.18 -8.44 -1.30
N HIS A 35 0.87 -8.46 -1.04
CA HIS A 35 0.35 -8.95 0.22
C HIS A 35 -0.53 -10.18 -0.01
N THR A 36 -0.56 -10.66 -1.25
CA THR A 36 -1.37 -11.82 -1.61
C THR A 36 -1.40 -12.84 -0.47
N GLY A 37 -2.44 -12.78 0.35
CA GLY A 37 -2.57 -13.70 1.47
C GLY A 37 -2.26 -13.04 2.80
N GLU A 38 -3.29 -12.84 3.61
CA GLU A 38 -3.12 -12.21 4.92
C GLU A 38 -2.96 -13.27 6.01
N LYS A 39 -2.42 -12.86 7.16
CA LYS A 39 -2.22 -13.77 8.28
C LYS A 39 -2.81 -13.19 9.57
N PRO A 40 -3.52 -14.02 10.32
CA PRO A 40 -4.15 -13.62 11.59
C PRO A 40 -3.11 -13.35 12.68
N SER A 41 -2.22 -14.31 12.89
CA SER A 41 -1.18 -14.17 13.90
C SER A 41 0.18 -14.59 13.36
N GLY A 42 0.43 -14.25 12.10
CA GLY A 42 1.70 -14.60 11.48
C GLY A 42 2.12 -16.03 11.80
N PRO A 43 3.43 -16.30 11.70
CA PRO A 43 3.99 -17.62 11.96
C PRO A 43 3.93 -18.00 13.45
N SER A 44 2.87 -18.69 13.84
CA SER A 44 2.69 -19.10 15.23
C SER A 44 2.16 -20.53 15.31
N SER A 45 1.99 -21.02 16.53
CA SER A 45 1.51 -22.38 16.75
C SER A 45 0.10 -22.36 17.36
N GLY A 46 0.00 -21.74 18.54
CA GLY A 46 -1.29 -21.66 19.21
C GLY A 46 -2.26 -20.75 18.50
ZN ZN B . 0.91 -2.55 0.32
N GLY A 1 -1.56 29.43 15.01
CA GLY A 1 -1.80 29.28 13.58
C GLY A 1 -0.84 28.31 12.93
N SER A 2 -1.32 27.10 12.65
CA SER A 2 -0.49 26.08 12.03
C SER A 2 -0.25 26.40 10.56
N SER A 3 0.87 27.08 10.28
CA SER A 3 1.21 27.45 8.92
C SER A 3 2.36 26.59 8.40
N GLY A 4 2.03 25.41 7.87
CA GLY A 4 3.04 24.52 7.35
C GLY A 4 2.46 23.43 6.47
N SER A 5 2.49 23.67 5.16
CA SER A 5 1.95 22.70 4.20
C SER A 5 2.93 21.56 3.97
N SER A 6 2.43 20.44 3.46
CA SER A 6 3.26 19.27 3.20
C SER A 6 3.29 18.95 1.71
N GLY A 7 4.46 19.16 1.09
CA GLY A 7 4.60 18.90 -0.32
C GLY A 7 4.91 17.43 -0.61
N SER A 8 5.97 16.92 0.00
CA SER A 8 6.37 15.53 -0.20
C SER A 8 5.40 14.58 0.50
N GLY A 9 4.75 13.73 -0.28
CA GLY A 9 3.81 12.78 0.29
C GLY A 9 2.38 13.23 0.14
N GLU A 10 1.51 12.78 1.05
CA GLU A 10 0.10 13.14 1.01
C GLU A 10 -0.59 12.51 -0.18
N LYS A 11 -0.10 11.36 -0.61
CA LYS A 11 -0.67 10.64 -1.74
C LYS A 11 -2.06 10.11 -1.41
N PRO A 12 -3.04 10.43 -2.26
CA PRO A 12 -4.43 9.99 -2.08
C PRO A 12 -4.60 8.49 -2.30
N PHE A 13 -3.69 7.91 -3.07
CA PHE A 13 -3.74 6.48 -3.36
C PHE A 13 -2.76 5.72 -2.48
N GLN A 14 -3.20 5.35 -1.29
CA GLN A 14 -2.35 4.62 -0.35
C GLN A 14 -2.89 3.21 -0.11
N CYS A 15 -2.00 2.28 0.22
CA CYS A 15 -2.38 0.90 0.46
C CYS A 15 -3.28 0.80 1.71
N GLU A 16 -3.69 -0.42 2.03
CA GLU A 16 -4.53 -0.65 3.19
C GLU A 16 -3.81 -1.50 4.24
N GLU A 17 -2.79 -2.23 3.80
CA GLU A 17 -2.02 -3.08 4.69
C GLU A 17 -0.66 -2.45 5.01
N CYS A 18 -0.23 -1.54 4.15
CA CYS A 18 1.05 -0.86 4.34
C CYS A 18 0.90 0.64 4.17
N GLY A 19 -0.31 1.07 3.80
CA GLY A 19 -0.57 2.48 3.61
C GLY A 19 0.47 3.15 2.73
N LYS A 20 1.06 2.37 1.82
CA LYS A 20 2.08 2.89 0.91
C LYS A 20 1.56 4.13 0.17
N ARG A 21 2.38 4.64 -0.75
CA ARG A 21 2.00 5.81 -1.52
C ARG A 21 2.17 5.56 -3.02
N PHE A 22 1.19 6.00 -3.80
CA PHE A 22 1.23 5.81 -5.25
C PHE A 22 0.58 6.99 -5.96
N THR A 23 1.18 7.41 -7.08
CA THR A 23 0.66 8.53 -7.86
C THR A 23 -0.50 8.09 -8.73
N GLN A 24 -0.68 6.78 -8.87
CA GLN A 24 -1.76 6.23 -9.69
C GLN A 24 -2.32 4.96 -9.06
N ASN A 25 -3.64 4.94 -8.88
CA ASN A 25 -4.31 3.79 -8.29
C ASN A 25 -3.74 2.49 -8.85
N SER A 26 -3.74 2.37 -10.18
CA SER A 26 -3.23 1.17 -10.84
C SER A 26 -2.03 0.60 -10.08
N HIS A 27 -0.99 1.41 -9.94
CA HIS A 27 0.21 0.99 -9.23
C HIS A 27 -0.13 0.36 -7.89
N LEU A 28 -1.10 0.95 -7.20
CA LEU A 28 -1.55 0.45 -5.90
C LEU A 28 -2.30 -0.87 -6.05
N HIS A 29 -3.28 -0.88 -6.94
CA HIS A 29 -4.08 -2.08 -7.18
C HIS A 29 -3.19 -3.29 -7.42
N SER A 30 -2.22 -3.14 -8.32
CA SER A 30 -1.30 -4.22 -8.65
C SER A 30 -0.35 -4.50 -7.49
N HIS A 31 0.05 -3.43 -6.80
CA HIS A 31 0.96 -3.55 -5.67
C HIS A 31 0.31 -4.35 -4.54
N GLN A 32 -1.00 -4.25 -4.43
CA GLN A 32 -1.74 -4.96 -3.39
C GLN A 32 -1.39 -6.45 -3.39
N ARG A 33 -1.25 -7.02 -4.58
CA ARG A 33 -0.91 -8.44 -4.72
C ARG A 33 0.34 -8.77 -3.91
N VAL A 34 1.23 -7.79 -3.77
CA VAL A 34 2.47 -7.98 -3.02
C VAL A 34 2.20 -8.55 -1.64
N HIS A 35 0.97 -8.39 -1.16
CA HIS A 35 0.58 -8.90 0.15
C HIS A 35 -0.14 -10.24 0.02
N THR A 36 0.10 -10.93 -1.09
CA THR A 36 -0.52 -12.22 -1.33
C THR A 36 -0.73 -12.98 -0.03
N GLY A 37 -1.95 -13.48 0.17
CA GLY A 37 -2.27 -14.23 1.37
C GLY A 37 -3.26 -15.33 1.13
N GLU A 38 -4.39 -14.99 0.50
CA GLU A 38 -5.43 -15.97 0.22
C GLU A 38 -5.22 -16.60 -1.15
N LYS A 39 -5.96 -17.67 -1.43
CA LYS A 39 -5.85 -18.36 -2.70
C LYS A 39 -7.17 -19.03 -3.08
N PRO A 40 -7.47 -19.10 -4.38
CA PRO A 40 -8.69 -19.71 -4.90
C PRO A 40 -8.71 -21.22 -4.71
N SER A 41 -9.71 -21.71 -3.98
CA SER A 41 -9.84 -23.14 -3.73
C SER A 41 -9.59 -23.95 -5.00
N GLY A 42 -8.90 -25.07 -4.85
CA GLY A 42 -8.60 -25.91 -6.00
C GLY A 42 -9.71 -26.91 -6.29
N PRO A 43 -9.59 -27.60 -7.43
CA PRO A 43 -10.58 -28.60 -7.86
C PRO A 43 -10.55 -29.85 -6.99
N SER A 44 -11.25 -29.80 -5.85
CA SER A 44 -11.30 -30.92 -4.93
C SER A 44 -9.96 -31.66 -4.89
N SER A 45 -8.88 -30.88 -4.87
CA SER A 45 -7.54 -31.45 -4.84
C SER A 45 -7.22 -32.01 -3.46
N GLY A 46 -7.19 -33.34 -3.35
CA GLY A 46 -6.89 -33.97 -2.07
C GLY A 46 -7.88 -33.58 -0.99
ZN ZN B . 0.87 -2.49 0.23
N GLY A 1 16.09 5.88 11.68
CA GLY A 1 15.17 5.41 10.67
C GLY A 1 15.72 5.56 9.26
N SER A 2 14.82 5.75 8.30
CA SER A 2 15.22 5.90 6.90
C SER A 2 14.52 7.09 6.26
N SER A 3 15.26 8.18 6.05
CA SER A 3 14.71 9.38 5.45
C SER A 3 15.80 10.21 4.78
N GLY A 4 15.50 10.70 3.58
CA GLY A 4 16.46 11.51 2.85
C GLY A 4 15.83 12.68 2.13
N SER A 5 15.05 13.47 2.88
CA SER A 5 14.36 14.63 2.30
C SER A 5 13.89 15.57 3.40
N SER A 6 13.60 16.80 3.03
CA SER A 6 13.13 17.81 3.98
C SER A 6 11.76 18.35 3.56
N GLY A 7 10.88 17.45 3.14
CA GLY A 7 9.55 17.86 2.73
C GLY A 7 8.47 16.88 3.17
N SER A 8 7.51 16.64 2.29
CA SER A 8 6.42 15.72 2.59
C SER A 8 6.03 14.90 1.36
N GLY A 9 5.15 13.93 1.55
CA GLY A 9 4.71 13.10 0.45
C GLY A 9 3.30 12.57 0.64
N GLU A 10 2.31 13.46 0.58
CA GLU A 10 0.92 13.08 0.76
C GLU A 10 0.34 12.50 -0.54
N LYS A 11 0.01 11.23 -0.51
CA LYS A 11 -0.56 10.55 -1.68
C LYS A 11 -1.97 10.07 -1.40
N PRO A 12 -2.89 10.37 -2.33
CA PRO A 12 -4.29 9.96 -2.21
C PRO A 12 -4.49 8.46 -2.35
N PHE A 13 -3.65 7.84 -3.18
CA PHE A 13 -3.73 6.40 -3.41
C PHE A 13 -2.72 5.66 -2.54
N GLN A 14 -3.15 5.28 -1.34
CA GLN A 14 -2.28 4.56 -0.41
C GLN A 14 -2.85 3.17 -0.10
N CYS A 15 -1.96 2.22 0.16
CA CYS A 15 -2.36 0.86 0.46
C CYS A 15 -3.23 0.82 1.72
N GLU A 16 -3.75 -0.37 2.04
CA GLU A 16 -4.61 -0.53 3.21
C GLU A 16 -3.93 -1.41 4.25
N GLU A 17 -2.98 -2.22 3.81
CA GLU A 17 -2.25 -3.12 4.70
C GLU A 17 -0.90 -2.51 5.10
N CYS A 18 -0.36 -1.67 4.24
CA CYS A 18 0.92 -1.03 4.49
C CYS A 18 0.85 0.47 4.21
N GLY A 19 -0.35 0.94 3.89
CA GLY A 19 -0.53 2.36 3.61
C GLY A 19 0.65 2.96 2.87
N LYS A 20 0.91 2.47 1.67
CA LYS A 20 2.03 2.96 0.86
C LYS A 20 1.63 4.22 0.10
N ARG A 21 2.55 4.71 -0.72
CA ARG A 21 2.29 5.92 -1.50
C ARG A 21 2.39 5.63 -3.00
N PHE A 22 1.32 5.92 -3.73
CA PHE A 22 1.29 5.70 -5.17
C PHE A 22 0.59 6.85 -5.89
N THR A 23 1.17 7.27 -7.01
CA THR A 23 0.61 8.37 -7.79
C THR A 23 -0.60 7.91 -8.60
N GLN A 24 -0.49 6.71 -9.17
CA GLN A 24 -1.58 6.16 -9.98
C GLN A 24 -2.33 5.08 -9.20
N ASN A 25 -3.63 4.95 -9.47
CA ASN A 25 -4.46 3.97 -8.80
C ASN A 25 -3.98 2.55 -9.11
N SER A 26 -3.68 2.30 -10.39
CA SER A 26 -3.23 0.98 -10.82
C SER A 26 -2.02 0.53 -9.99
N HIS A 27 -1.06 1.44 -9.80
CA HIS A 27 0.14 1.13 -9.03
C HIS A 27 -0.22 0.53 -7.68
N LEU A 28 -1.27 1.05 -7.06
CA LEU A 28 -1.73 0.57 -5.76
C LEU A 28 -2.47 -0.76 -5.91
N HIS A 29 -3.57 -0.74 -6.65
CA HIS A 29 -4.37 -1.94 -6.87
C HIS A 29 -3.47 -3.13 -7.20
N SER A 30 -2.51 -2.91 -8.09
CA SER A 30 -1.59 -3.96 -8.51
C SER A 30 -0.58 -4.27 -7.41
N HIS A 31 -0.19 -3.23 -6.67
CA HIS A 31 0.78 -3.38 -5.59
C HIS A 31 0.24 -4.32 -4.51
N GLN A 32 -1.08 -4.37 -4.38
CA GLN A 32 -1.72 -5.22 -3.39
C GLN A 32 -1.22 -6.66 -3.50
N ARG A 33 -0.87 -7.07 -4.73
CA ARG A 33 -0.38 -8.40 -4.98
C ARG A 33 0.78 -8.75 -4.05
N VAL A 34 1.62 -7.74 -3.77
CA VAL A 34 2.76 -7.93 -2.89
C VAL A 34 2.35 -8.58 -1.57
N HIS A 35 1.12 -8.33 -1.16
CA HIS A 35 0.60 -8.90 0.09
C HIS A 35 -0.05 -10.26 -0.16
N THR A 36 0.33 -10.90 -1.27
CA THR A 36 -0.21 -12.20 -1.62
C THR A 36 -0.49 -13.03 -0.37
N GLY A 37 0.57 -13.34 0.37
CA GLY A 37 0.42 -14.13 1.58
C GLY A 37 1.51 -15.17 1.73
N GLU A 38 2.75 -14.75 1.50
CA GLU A 38 3.89 -15.66 1.62
C GLU A 38 4.16 -16.02 3.07
N LYS A 39 4.72 -17.21 3.29
CA LYS A 39 5.02 -17.68 4.63
C LYS A 39 6.22 -16.93 5.22
N PRO A 40 6.03 -16.34 6.40
CA PRO A 40 7.08 -15.58 7.08
C PRO A 40 8.19 -16.49 7.61
N SER A 41 7.93 -17.79 7.60
CA SER A 41 8.91 -18.76 8.08
C SER A 41 8.77 -20.09 7.34
N GLY A 42 9.77 -20.41 6.53
CA GLY A 42 9.74 -21.66 5.78
C GLY A 42 11.11 -22.08 5.30
N PRO A 43 11.20 -23.29 4.73
CA PRO A 43 12.46 -23.84 4.23
C PRO A 43 12.95 -23.11 2.98
N SER A 44 12.22 -22.07 2.58
CA SER A 44 12.58 -21.29 1.41
C SER A 44 14.10 -21.20 1.26
N SER A 45 14.66 -22.03 0.39
CA SER A 45 16.10 -22.04 0.16
C SER A 45 16.57 -20.73 -0.43
N GLY A 46 15.89 -20.28 -1.48
CA GLY A 46 16.25 -19.03 -2.12
C GLY A 46 15.23 -18.59 -3.17
ZN ZN B . 0.81 -2.64 0.49
N GLY A 1 13.14 17.73 10.85
CA GLY A 1 12.69 17.77 12.23
C GLY A 1 11.54 18.73 12.43
N SER A 2 10.34 18.19 12.60
CA SER A 2 9.14 19.00 12.80
C SER A 2 8.34 18.51 14.00
N SER A 3 7.43 19.35 14.48
CA SER A 3 6.60 19.00 15.63
C SER A 3 5.84 17.71 15.37
N GLY A 4 5.86 16.82 16.35
CA GLY A 4 5.17 15.55 16.22
C GLY A 4 5.61 14.78 14.98
N SER A 5 6.51 13.83 15.17
CA SER A 5 7.02 13.03 14.06
C SER A 5 6.14 11.80 13.84
N SER A 6 5.52 11.73 12.67
CA SER A 6 4.65 10.61 12.32
C SER A 6 4.48 10.49 10.80
N GLY A 7 4.34 9.26 10.34
CA GLY A 7 4.17 9.03 8.91
C GLY A 7 3.28 10.05 8.26
N SER A 8 3.60 10.40 7.02
CA SER A 8 2.82 11.40 6.27
C SER A 8 2.53 10.91 4.87
N GLY A 9 1.24 10.90 4.50
CA GLY A 9 0.85 10.46 3.18
C GLY A 9 0.47 11.61 2.27
N GLU A 10 1.09 11.67 1.09
CA GLU A 10 0.80 12.73 0.14
C GLU A 10 -0.21 12.26 -0.90
N LYS A 11 0.08 11.12 -1.53
CA LYS A 11 -0.81 10.57 -2.55
C LYS A 11 -2.10 10.08 -1.94
N PRO A 12 -3.21 10.24 -2.68
CA PRO A 12 -4.54 9.82 -2.22
C PRO A 12 -4.68 8.30 -2.17
N PHE A 13 -4.05 7.62 -3.13
CA PHE A 13 -4.11 6.16 -3.18
C PHE A 13 -3.12 5.54 -2.20
N GLN A 14 -3.60 5.25 -1.01
CA GLN A 14 -2.76 4.64 0.03
C GLN A 14 -3.22 3.22 0.34
N CYS A 15 -2.27 2.33 0.55
CA CYS A 15 -2.57 0.94 0.88
C CYS A 15 -3.28 0.83 2.22
N GLU A 16 -3.68 -0.39 2.57
CA GLU A 16 -4.37 -0.62 3.83
C GLU A 16 -3.56 -1.55 4.73
N GLU A 17 -2.69 -2.35 4.12
CA GLU A 17 -1.86 -3.28 4.87
C GLU A 17 -0.49 -2.67 5.16
N CYS A 18 -0.05 -1.77 4.29
CA CYS A 18 1.24 -1.11 4.46
C CYS A 18 1.11 0.40 4.22
N GLY A 19 -0.10 0.84 3.91
CA GLY A 19 -0.33 2.25 3.66
C GLY A 19 0.85 2.93 2.99
N LYS A 20 0.96 2.76 1.68
CA LYS A 20 2.04 3.36 0.91
C LYS A 20 1.53 4.51 0.05
N ARG A 21 2.41 5.05 -0.78
CA ARG A 21 2.05 6.16 -1.66
C ARG A 21 2.26 5.77 -3.12
N PHE A 22 1.29 6.13 -3.96
CA PHE A 22 1.37 5.82 -5.38
C PHE A 22 0.69 6.91 -6.21
N THR A 23 1.47 7.56 -7.06
CA THR A 23 0.96 8.63 -7.92
C THR A 23 -0.27 8.17 -8.69
N GLN A 24 -0.20 6.96 -9.24
CA GLN A 24 -1.30 6.40 -10.02
C GLN A 24 -1.98 5.27 -9.25
N ASN A 25 -3.30 5.17 -9.41
CA ASN A 25 -4.08 4.14 -8.74
C ASN A 25 -3.68 2.75 -9.21
N SER A 26 -3.51 2.60 -10.53
CA SER A 26 -3.14 1.33 -11.11
C SER A 26 -2.02 0.66 -10.30
N HIS A 27 -1.04 1.47 -9.90
CA HIS A 27 0.08 0.96 -9.12
C HIS A 27 -0.41 0.22 -7.87
N LEU A 28 -1.34 0.85 -7.15
CA LEU A 28 -1.89 0.25 -5.93
C LEU A 28 -2.57 -1.08 -6.25
N HIS A 29 -3.45 -1.08 -7.25
CA HIS A 29 -4.17 -2.28 -7.65
C HIS A 29 -3.23 -3.48 -7.68
N SER A 30 -2.18 -3.39 -8.50
CA SER A 30 -1.22 -4.47 -8.63
C SER A 30 -0.39 -4.62 -7.36
N HIS A 31 0.05 -3.49 -6.80
CA HIS A 31 0.85 -3.50 -5.58
C HIS A 31 0.17 -4.33 -4.50
N GLN A 32 -1.16 -4.28 -4.47
CA GLN A 32 -1.93 -5.02 -3.47
C GLN A 32 -1.51 -6.49 -3.46
N ARG A 33 -1.35 -7.07 -4.64
CA ARG A 33 -0.95 -8.47 -4.76
C ARG A 33 0.32 -8.74 -3.97
N VAL A 34 1.13 -7.70 -3.78
CA VAL A 34 2.38 -7.83 -3.04
C VAL A 34 2.14 -8.39 -1.65
N HIS A 35 0.91 -8.29 -1.17
CA HIS A 35 0.55 -8.79 0.15
C HIS A 35 -0.03 -10.20 0.05
N THR A 36 -0.60 -10.52 -1.10
CA THR A 36 -1.20 -11.84 -1.32
C THR A 36 -1.82 -12.38 -0.04
N GLY A 37 -2.42 -11.48 0.75
CA GLY A 37 -3.05 -11.89 1.99
C GLY A 37 -3.94 -13.10 1.81
N GLU A 38 -4.73 -13.10 0.74
CA GLU A 38 -5.64 -14.22 0.46
C GLU A 38 -4.88 -15.39 -0.15
N LYS A 39 -3.73 -15.73 0.43
CA LYS A 39 -2.91 -16.83 -0.05
C LYS A 39 -2.66 -17.84 1.06
N PRO A 40 -2.98 -19.11 0.78
CA PRO A 40 -2.80 -20.20 1.74
C PRO A 40 -1.33 -20.53 1.97
N SER A 41 -0.58 -20.66 0.88
CA SER A 41 0.85 -20.97 0.96
C SER A 41 1.59 -20.45 -0.27
N GLY A 42 2.87 -20.13 -0.09
CA GLY A 42 3.67 -19.63 -1.19
C GLY A 42 4.82 -20.55 -1.54
N PRO A 43 5.78 -20.04 -2.33
CA PRO A 43 6.95 -20.81 -2.75
C PRO A 43 7.91 -21.08 -1.60
N SER A 44 8.10 -20.09 -0.74
CA SER A 44 8.99 -20.23 0.40
C SER A 44 10.37 -20.74 -0.03
N SER A 45 10.86 -20.19 -1.15
CA SER A 45 12.15 -20.59 -1.68
C SER A 45 13.24 -19.59 -1.27
N GLY A 46 12.95 -18.31 -1.46
CA GLY A 46 13.91 -17.28 -1.11
C GLY A 46 13.91 -16.12 -2.10
ZN ZN B . 0.68 -2.48 0.46
N GLY A 1 13.56 22.53 10.72
CA GLY A 1 14.25 21.25 10.62
C GLY A 1 13.31 20.10 10.32
N SER A 2 12.44 19.78 11.27
CA SER A 2 11.48 18.69 11.10
C SER A 2 10.89 18.70 9.69
N SER A 3 10.57 17.52 9.18
CA SER A 3 9.99 17.41 7.85
C SER A 3 8.56 17.91 7.83
N GLY A 4 8.30 18.92 7.02
CA GLY A 4 6.96 19.48 6.93
C GLY A 4 6.63 19.96 5.52
N SER A 5 5.83 19.17 4.80
CA SER A 5 5.44 19.51 3.44
C SER A 5 4.12 20.26 3.43
N SER A 6 4.14 21.48 2.89
CA SER A 6 2.95 22.31 2.83
C SER A 6 2.47 22.45 1.38
N GLY A 7 2.51 21.35 0.64
CA GLY A 7 2.07 21.39 -0.75
C GLY A 7 0.72 20.73 -0.95
N SER A 8 0.74 19.50 -1.49
CA SER A 8 -0.50 18.77 -1.73
C SER A 8 -0.59 17.54 -0.84
N GLY A 9 -0.24 17.71 0.44
CA GLY A 9 -0.28 16.60 1.37
C GLY A 9 0.45 15.39 0.87
N GLU A 10 -0.25 14.26 0.77
CA GLU A 10 0.35 13.02 0.31
C GLU A 10 -0.54 12.35 -0.74
N LYS A 11 0.01 11.36 -1.43
CA LYS A 11 -0.73 10.64 -2.46
C LYS A 11 -2.05 10.11 -1.91
N PRO A 12 -3.11 10.22 -2.71
CA PRO A 12 -4.45 9.76 -2.32
C PRO A 12 -4.54 8.23 -2.26
N PHE A 13 -4.05 7.57 -3.29
CA PHE A 13 -4.07 6.11 -3.35
C PHE A 13 -2.98 5.51 -2.47
N GLN A 14 -3.35 5.09 -1.27
CA GLN A 14 -2.40 4.50 -0.33
C GLN A 14 -2.84 3.10 0.08
N CYS A 15 -1.88 2.19 0.18
CA CYS A 15 -2.16 0.82 0.57
C CYS A 15 -2.96 0.77 1.88
N GLU A 16 -3.43 -0.42 2.23
CA GLU A 16 -4.21 -0.60 3.45
C GLU A 16 -3.47 -1.50 4.44
N GLU A 17 -2.54 -2.29 3.92
CA GLU A 17 -1.77 -3.20 4.76
C GLU A 17 -0.40 -2.61 5.10
N CYS A 18 0.06 -1.69 4.25
CA CYS A 18 1.36 -1.05 4.44
C CYS A 18 1.24 0.46 4.23
N GLY A 19 0.01 0.94 4.07
CA GLY A 19 -0.21 2.36 3.87
C GLY A 19 0.90 3.01 3.05
N LYS A 20 0.97 2.65 1.78
CA LYS A 20 1.99 3.18 0.89
C LYS A 20 1.46 4.41 0.14
N ARG A 21 2.27 4.93 -0.79
CA ARG A 21 1.87 6.10 -1.57
C ARG A 21 2.11 5.84 -3.06
N PHE A 22 1.13 6.24 -3.87
CA PHE A 22 1.23 6.06 -5.32
C PHE A 22 0.46 7.16 -6.05
N THR A 23 1.10 7.72 -7.09
CA THR A 23 0.49 8.78 -7.88
C THR A 23 -0.87 8.35 -8.44
N GLN A 24 -0.89 7.15 -9.02
CA GLN A 24 -2.12 6.62 -9.59
C GLN A 24 -2.46 5.26 -8.99
N ASN A 25 -3.75 5.00 -8.78
CA ASN A 25 -4.20 3.74 -8.23
C ASN A 25 -3.58 2.56 -8.97
N SER A 26 -3.46 2.70 -10.28
CA SER A 26 -2.89 1.64 -11.11
C SER A 26 -1.74 0.94 -10.39
N HIS A 27 -0.79 1.73 -9.89
CA HIS A 27 0.35 1.18 -9.18
C HIS A 27 -0.10 0.34 -7.98
N LEU A 28 -1.11 0.84 -7.27
CA LEU A 28 -1.63 0.14 -6.10
C LEU A 28 -2.32 -1.16 -6.50
N HIS A 29 -3.22 -1.07 -7.48
CA HIS A 29 -3.94 -2.24 -7.96
C HIS A 29 -3.06 -3.47 -7.94
N SER A 30 -1.87 -3.37 -8.53
CA SER A 30 -0.94 -4.48 -8.57
C SER A 30 -0.26 -4.67 -7.22
N HIS A 31 0.47 -3.65 -6.77
CA HIS A 31 1.17 -3.70 -5.49
C HIS A 31 0.34 -4.43 -4.45
N GLN A 32 -0.98 -4.39 -4.62
CA GLN A 32 -1.88 -5.05 -3.68
C GLN A 32 -1.57 -6.55 -3.58
N ARG A 33 -1.40 -7.19 -4.72
CA ARG A 33 -1.10 -8.62 -4.76
C ARG A 33 0.10 -8.94 -3.86
N VAL A 34 0.87 -7.91 -3.52
CA VAL A 34 2.04 -8.08 -2.66
C VAL A 34 1.64 -8.61 -1.29
N HIS A 35 0.47 -8.19 -0.81
CA HIS A 35 -0.03 -8.61 0.48
C HIS A 35 -1.12 -9.67 0.33
N THR A 36 -1.21 -10.26 -0.86
CA THR A 36 -2.20 -11.28 -1.14
C THR A 36 -2.08 -12.45 -0.17
N GLY A 37 -3.19 -13.13 0.09
CA GLY A 37 -3.19 -14.26 0.99
C GLY A 37 -2.82 -13.85 2.41
N GLU A 38 -3.36 -12.73 2.87
CA GLU A 38 -3.08 -12.24 4.21
C GLU A 38 -4.37 -11.84 4.93
N LYS A 39 -4.63 -12.48 6.05
CA LYS A 39 -5.83 -12.20 6.84
C LYS A 39 -5.64 -12.59 8.30
N PRO A 40 -6.27 -11.83 9.20
CA PRO A 40 -6.19 -12.08 10.65
C PRO A 40 -6.91 -13.36 11.06
N SER A 41 -7.46 -14.06 10.08
CA SER A 41 -8.18 -15.30 10.33
C SER A 41 -7.32 -16.52 9.98
N GLY A 42 -6.57 -17.00 10.96
CA GLY A 42 -5.71 -18.16 10.74
C GLY A 42 -6.45 -19.31 10.09
N PRO A 43 -6.16 -19.58 8.81
CA PRO A 43 -6.80 -20.67 8.07
C PRO A 43 -6.37 -22.04 8.55
N SER A 44 -5.06 -22.21 8.73
CA SER A 44 -4.51 -23.49 9.19
C SER A 44 -4.49 -23.54 10.72
N SER A 45 -4.07 -24.69 11.25
CA SER A 45 -4.00 -24.88 12.69
C SER A 45 -3.51 -23.61 13.38
N GLY A 46 -2.44 -23.03 12.85
CA GLY A 46 -1.89 -21.82 13.43
C GLY A 46 -2.88 -20.67 13.43
ZN ZN B . 1.26 -2.40 0.37
#